data_1LCF
#
_entry.id   1LCF
#
_cell.length_a   155.800
_cell.length_b   97.100
_cell.length_c   56.200
_cell.angle_alpha   90.00
_cell.angle_beta   90.00
_cell.angle_gamma   90.00
#
_symmetry.space_group_name_H-M   'P 21 21 21'
#
loop_
_entity.id
_entity.type
_entity.pdbx_description
1 polymer LACTOFERRIN
2 non-polymer 2-acetamido-2-deoxy-beta-D-glucopyranose
3 non-polymer 'COPPER (II) ION'
4 non-polymer 'CARBONATE ION'
5 non-polymer 'OXALATE ION'
6 water water
#
_entity_poly.entity_id   1
_entity_poly.type   'polypeptide(L)'
_entity_poly.pdbx_seq_one_letter_code
;GRRRSVQWCAVSNPEATKCFQWQRNMRKVRGPPVSCLKRDSPIQCIQAIAENRADAVTLDGGFIYEAGLAPYKLRPVAAE
VYGTERQPRTHYYAVAVVKKGGSFQLNELQGLKSCHTGLRRTAGWNVPIGTLRPFLNWTGPPEPIEAAVARFFSASCVPG
ADKGQFPNLCRLCAGTGENKCAFSSQEPYFSYSGAFKCLKDGAGDVAFIRESTVFEDLSDEAERDEYELLCPDNTRKPVD
KFKDCHLARVPSHAVVARSVNGKEDAIWNLLRQAQEKFGKDKSPKFQLFGSPSGQKDLLFKDSAIGFSRVPPRIDSGLYL
GSGYFTAIQNLRKSEEEVAARRARVVWCAVGEQELRKCNQWSGLSEGSVTCSSASTTEDCIALVLKGEADAMSLDGGYVY
TAGKCGLVPVLAENYKSQQSSDPDPNCVDRPVEGYLAVAVVRRSDTSLTWNSVKGKKSCHTAVDRTAGWNIPMGLLFNQT
GSCKFDEYFSQSCAPGSDPRSNLCALCIGDEQGENKCVPNSNERYYGYTGAFRCLAENAGDVAFVKDVTVLQNTDGNNNE
AWAKDLKLADFALLCLDGKRKPVTEARSCHLAMAPNHAVVSRMDKVERLKQVLLHQQAKFGRNGSDCPDKFCLFQSETKN
LLFNDNTECLARLHGKTTYEKYLGPQYVAGITNLKKCSTSPLLEACEFLRK
;
_entity_poly.pdbx_strand_id   A
#
loop_
_chem_comp.id
_chem_comp.type
_chem_comp.name
_chem_comp.formula
CO3 non-polymer 'CARBONATE ION' 'C O3 -2'
CU non-polymer 'COPPER (II) ION' 'Cu 2'
NAG D-saccharide, beta linking 2-acetamido-2-deoxy-beta-D-glucopyranose 'C8 H15 N O6'
OXL non-polymer 'OXALATE ION' 'C2 O4 -2'
#
# COMPACT_ATOMS: atom_id res chain seq x y z
N GLY A 1 40.66 1.51 13.35
CA GLY A 1 40.20 1.37 11.95
C GLY A 1 39.36 0.13 11.63
N ARG A 2 38.64 0.26 10.52
CA ARG A 2 37.77 -0.83 10.02
C ARG A 2 37.53 -0.69 8.51
N ARG A 3 36.75 0.31 8.17
CA ARG A 3 36.33 0.76 6.84
C ARG A 3 35.55 2.09 6.95
N ARG A 4 34.73 2.51 5.99
CA ARG A 4 33.96 3.78 6.04
C ARG A 4 32.78 3.82 5.05
N SER A 5 32.87 2.70 4.35
CA SER A 5 32.02 2.26 3.26
C SER A 5 30.74 1.54 3.65
N VAL A 6 30.03 1.31 2.58
CA VAL A 6 28.79 0.57 2.45
C VAL A 6 29.36 -0.84 2.14
N GLN A 7 29.02 -1.81 2.98
CA GLN A 7 29.48 -3.18 2.71
C GLN A 7 28.42 -3.96 1.92
N TRP A 8 28.73 -4.31 0.70
CA TRP A 8 27.84 -5.05 -0.19
C TRP A 8 28.07 -6.53 0.18
N CYS A 9 27.00 -7.30 0.13
CA CYS A 9 27.03 -8.72 0.42
C CYS A 9 26.96 -9.42 -0.93
N ALA A 10 28.02 -10.14 -1.27
CA ALA A 10 28.22 -10.91 -2.52
C ALA A 10 27.66 -12.30 -2.18
N VAL A 11 27.16 -13.04 -3.14
CA VAL A 11 26.55 -14.34 -2.72
C VAL A 11 27.29 -15.45 -3.44
N SER A 12 28.37 -15.08 -4.15
CA SER A 12 29.26 -15.85 -4.97
C SER A 12 30.61 -15.16 -5.26
N ASN A 13 31.53 -16.00 -5.76
CA ASN A 13 32.91 -15.58 -6.03
C ASN A 13 32.89 -14.57 -7.16
N PRO A 14 32.46 -15.05 -8.31
CA PRO A 14 32.35 -14.12 -9.44
C PRO A 14 31.62 -12.86 -8.93
N GLU A 15 30.89 -12.91 -7.81
CA GLU A 15 30.24 -11.70 -7.34
C GLU A 15 31.21 -10.96 -6.42
N ALA A 16 31.97 -11.69 -5.64
CA ALA A 16 32.93 -10.98 -4.74
C ALA A 16 33.96 -10.27 -5.63
N THR A 17 34.33 -10.95 -6.71
CA THR A 17 35.29 -10.41 -7.69
C THR A 17 34.91 -9.05 -8.23
N LYS A 18 33.74 -9.01 -8.85
CA LYS A 18 33.21 -7.77 -9.43
C LYS A 18 33.01 -6.81 -8.30
N CYS A 19 32.59 -7.26 -7.16
CA CYS A 19 32.38 -6.32 -6.06
C CYS A 19 33.69 -5.59 -5.83
N PHE A 20 34.75 -6.38 -5.90
CA PHE A 20 36.12 -5.88 -5.69
C PHE A 20 36.57 -4.83 -6.71
N GLN A 21 36.27 -5.15 -7.95
CA GLN A 21 36.58 -4.27 -9.06
C GLN A 21 35.76 -2.95 -8.82
N TRP A 22 34.51 -3.19 -8.41
CA TRP A 22 33.61 -2.05 -8.16
C TRP A 22 34.34 -1.22 -7.12
N GLN A 23 34.80 -1.87 -6.07
CA GLN A 23 35.55 -1.15 -5.02
C GLN A 23 36.70 -0.32 -5.58
N ARG A 24 37.56 -0.90 -6.40
CA ARG A 24 38.70 -0.24 -7.04
C ARG A 24 38.41 1.08 -7.73
N ASN A 25 37.52 1.07 -8.69
CA ASN A 25 37.02 2.14 -9.51
C ASN A 25 36.23 3.15 -8.68
N MET A 26 35.75 2.75 -7.55
CA MET A 26 35.03 3.79 -6.75
C MET A 26 36.28 4.61 -6.40
N ARG A 27 37.22 4.21 -5.61
CA ARG A 27 38.48 4.80 -5.18
C ARG A 27 39.15 5.67 -6.25
N LYS A 28 39.45 5.06 -7.37
CA LYS A 28 40.07 5.57 -8.61
C LYS A 28 39.24 6.58 -9.38
N VAL A 29 38.39 7.31 -8.71
CA VAL A 29 37.39 8.27 -9.30
C VAL A 29 37.01 9.15 -8.10
N ARG A 30 37.59 8.73 -6.97
CA ARG A 30 37.39 9.40 -5.68
C ARG A 30 35.91 9.44 -5.31
N GLY A 31 35.18 8.41 -5.66
CA GLY A 31 33.73 8.31 -5.36
C GLY A 31 33.52 7.61 -4.00
N PRO A 32 32.23 7.52 -3.68
CA PRO A 32 31.82 6.84 -2.44
C PRO A 32 32.30 5.41 -2.58
N PRO A 33 32.73 4.91 -1.44
CA PRO A 33 33.28 3.53 -1.31
C PRO A 33 32.41 2.34 -0.88
N VAL A 34 32.59 1.20 -1.55
CA VAL A 34 31.90 -0.03 -1.25
C VAL A 34 32.88 -1.08 -0.70
N SER A 35 32.75 -1.72 0.42
CA SER A 35 33.67 -2.80 0.86
C SER A 35 32.83 -4.05 0.53
N CYS A 36 33.30 -5.28 0.50
CA CYS A 36 32.56 -6.49 0.20
C CYS A 36 32.65 -7.59 1.27
N LEU A 37 31.54 -8.26 1.49
CA LEU A 37 31.31 -9.32 2.48
C LEU A 37 31.00 -10.52 1.61
N LYS A 38 31.26 -11.73 2.12
CA LYS A 38 31.02 -12.94 1.28
C LYS A 38 30.12 -13.94 1.98
N ARG A 39 29.27 -14.53 1.17
CA ARG A 39 28.30 -15.55 1.66
C ARG A 39 28.02 -16.45 0.45
N ASP A 40 27.27 -17.55 0.66
CA ASP A 40 27.03 -18.52 -0.42
C ASP A 40 25.60 -18.39 -0.93
N SER A 41 24.86 -17.60 -0.14
CA SER A 41 23.49 -17.39 -0.63
C SER A 41 22.78 -16.13 -0.17
N PRO A 42 21.64 -15.91 -0.82
CA PRO A 42 20.78 -14.76 -0.47
C PRO A 42 20.38 -14.70 0.97
N ILE A 43 20.04 -15.75 1.71
CA ILE A 43 19.63 -15.74 3.11
C ILE A 43 20.76 -15.35 4.08
N GLN A 44 21.93 -15.81 3.67
CA GLN A 44 23.15 -15.51 4.46
C GLN A 44 23.31 -13.99 4.28
N CYS A 45 23.20 -13.47 3.08
CA CYS A 45 23.28 -11.99 2.85
C CYS A 45 22.18 -11.39 3.74
N ILE A 46 20.98 -11.92 3.73
CA ILE A 46 19.90 -11.38 4.60
C ILE A 46 20.26 -11.28 6.06
N GLN A 47 20.87 -12.31 6.62
CA GLN A 47 21.31 -12.36 8.04
C GLN A 47 22.54 -11.50 8.32
N ALA A 48 23.55 -11.54 7.47
CA ALA A 48 24.71 -10.66 7.62
C ALA A 48 24.22 -9.21 7.76
N ILE A 49 23.33 -8.81 6.83
CA ILE A 49 22.79 -7.44 6.86
C ILE A 49 22.09 -7.22 8.18
N ALA A 50 21.20 -8.10 8.55
CA ALA A 50 20.51 -7.91 9.86
C ALA A 50 21.42 -7.98 11.07
N GLU A 51 22.63 -8.48 11.04
CA GLU A 51 23.55 -8.55 12.18
C GLU A 51 24.69 -7.55 11.99
N ASN A 52 24.50 -6.71 10.97
CA ASN A 52 25.48 -5.70 10.68
C ASN A 52 26.80 -6.20 10.15
N ARG A 53 26.86 -7.08 9.19
CA ARG A 53 28.15 -7.51 8.66
C ARG A 53 28.23 -7.43 7.12
N ALA A 54 27.29 -6.73 6.49
CA ALA A 54 27.00 -6.36 5.13
C ALA A 54 25.95 -5.27 5.40
N ASP A 55 25.79 -4.41 4.39
CA ASP A 55 24.84 -3.30 4.46
C ASP A 55 23.70 -3.51 3.45
N ALA A 56 24.08 -4.13 2.34
CA ALA A 56 23.03 -4.25 1.34
C ALA A 56 23.23 -5.39 0.40
N VAL A 57 22.18 -5.78 -0.32
CA VAL A 57 22.25 -6.86 -1.33
C VAL A 57 21.05 -6.61 -2.25
N THR A 58 21.15 -6.88 -3.52
CA THR A 58 20.00 -6.78 -4.42
C THR A 58 19.30 -8.14 -4.49
N LEU A 59 18.03 -8.22 -4.21
CA LEU A 59 17.25 -9.45 -4.18
C LEU A 59 16.07 -9.40 -5.09
N ASP A 60 15.70 -10.56 -5.46
CA ASP A 60 14.52 -10.94 -6.27
C ASP A 60 13.30 -10.75 -5.32
N GLY A 61 12.19 -10.38 -5.94
CA GLY A 61 10.97 -10.18 -5.11
C GLY A 61 10.73 -11.34 -4.15
N GLY A 62 11.04 -12.58 -4.53
CA GLY A 62 10.84 -13.69 -3.61
C GLY A 62 11.63 -13.55 -2.33
N PHE A 63 12.80 -12.98 -2.41
CA PHE A 63 13.67 -12.78 -1.23
C PHE A 63 13.44 -11.47 -0.53
N ILE A 64 12.76 -10.55 -1.22
CA ILE A 64 12.34 -9.26 -0.59
C ILE A 64 11.32 -9.72 0.47
N TYR A 65 10.40 -10.56 0.01
CA TYR A 65 9.36 -11.16 0.87
C TYR A 65 10.02 -11.69 2.15
N GLU A 66 10.88 -12.70 1.92
CA GLU A 66 11.63 -13.40 2.96
C GLU A 66 12.39 -12.50 3.87
N ALA A 67 13.03 -11.54 3.23
CA ALA A 67 13.86 -10.59 4.00
C ALA A 67 13.02 -9.69 4.86
N GLY A 68 11.78 -9.46 4.55
CA GLY A 68 10.94 -8.54 5.35
C GLY A 68 10.48 -9.15 6.68
N LEU A 69 10.25 -10.44 6.55
CA LEU A 69 9.87 -11.18 7.73
C LEU A 69 10.80 -10.95 8.92
N ALA A 70 10.16 -11.08 10.12
CA ALA A 70 11.01 -10.96 11.35
C ALA A 70 11.74 -12.32 11.28
N PRO A 71 12.90 -12.41 11.86
CA PRO A 71 13.55 -11.36 12.63
C PRO A 71 14.33 -10.36 11.80
N TYR A 72 14.41 -10.51 10.49
CA TYR A 72 15.20 -9.60 9.65
C TYR A 72 14.67 -8.18 9.46
N LYS A 73 13.48 -8.14 8.86
CA LYS A 73 12.78 -6.89 8.57
C LYS A 73 13.60 -5.85 7.81
N LEU A 74 14.27 -6.30 6.76
CA LEU A 74 15.08 -5.51 5.85
C LEU A 74 13.98 -4.81 5.02
N ARG A 75 14.43 -3.69 4.42
CA ARG A 75 13.54 -2.81 3.63
C ARG A 75 14.15 -2.51 2.29
N PRO A 76 13.38 -2.51 1.24
CA PRO A 76 13.89 -2.14 -0.09
C PRO A 76 14.18 -0.65 -0.16
N VAL A 77 15.36 -0.22 -0.56
CA VAL A 77 15.82 1.18 -0.64
C VAL A 77 15.99 1.75 -2.04
N ALA A 78 16.23 0.96 -3.07
CA ALA A 78 16.46 1.36 -4.46
C ALA A 78 16.01 0.24 -5.33
N ALA A 79 15.21 0.41 -6.32
CA ALA A 79 14.70 -0.62 -7.21
C ALA A 79 15.49 -0.54 -8.49
N GLU A 80 15.69 -1.65 -9.16
CA GLU A 80 16.39 -1.69 -10.42
C GLU A 80 15.38 -1.21 -11.45
N VAL A 81 15.92 -0.54 -12.45
CA VAL A 81 15.09 -0.04 -13.55
C VAL A 81 15.53 -0.84 -14.78
N TYR A 82 14.50 -1.23 -15.51
CA TYR A 82 14.64 -2.02 -16.74
C TYR A 82 14.00 -1.23 -17.88
N GLY A 83 13.88 -1.88 -19.00
CA GLY A 83 13.33 -1.24 -20.23
C GLY A 83 14.48 -0.30 -20.71
N THR A 84 14.07 0.89 -21.11
CA THR A 84 14.96 1.93 -21.52
C THR A 84 14.75 3.30 -20.89
N GLU A 85 15.77 4.01 -21.25
CA GLU A 85 16.06 5.38 -20.88
C GLU A 85 14.77 6.18 -20.93
N ARG A 86 14.12 5.91 -22.06
CA ARG A 86 12.85 6.62 -22.18
C ARG A 86 11.73 5.59 -22.34
N GLN A 87 11.66 4.74 -21.36
CA GLN A 87 10.59 3.71 -21.42
C GLN A 87 11.12 2.79 -20.33
N PRO A 88 11.66 3.50 -19.34
CA PRO A 88 12.20 2.89 -18.12
C PRO A 88 11.02 2.37 -17.31
N ARG A 89 11.24 1.33 -16.52
CA ARG A 89 10.25 0.69 -15.67
C ARG A 89 10.92 -0.11 -14.58
N THR A 90 10.20 -0.12 -13.49
CA THR A 90 10.50 -0.76 -12.22
C THR A 90 9.62 -1.99 -12.07
N HIS A 91 9.37 -2.70 -13.14
CA HIS A 91 8.60 -3.95 -13.05
C HIS A 91 9.07 -4.80 -14.24
N TYR A 92 8.79 -6.08 -14.24
CA TYR A 92 9.18 -6.97 -15.35
C TYR A 92 7.99 -7.89 -15.48
N TYR A 93 7.92 -8.74 -16.47
CA TYR A 93 6.83 -9.64 -16.73
C TYR A 93 7.29 -11.07 -16.44
N ALA A 94 6.47 -11.85 -15.80
CA ALA A 94 6.74 -13.27 -15.59
C ALA A 94 6.12 -13.92 -16.80
N VAL A 95 6.87 -14.55 -17.76
CA VAL A 95 6.28 -15.25 -18.92
C VAL A 95 6.64 -16.74 -18.98
N ALA A 96 6.02 -17.50 -19.83
CA ALA A 96 6.27 -18.92 -19.96
C ALA A 96 6.77 -19.17 -21.39
N VAL A 97 8.03 -19.60 -21.52
CA VAL A 97 8.54 -19.78 -22.86
C VAL A 97 8.60 -21.28 -23.14
N VAL A 98 8.28 -21.43 -24.39
CA VAL A 98 8.18 -22.60 -25.18
C VAL A 98 8.82 -22.40 -26.58
N LYS A 99 9.05 -23.58 -27.22
CA LYS A 99 9.61 -23.61 -28.59
C LYS A 99 8.42 -23.72 -29.57
N LYS A 100 8.49 -23.25 -30.81
CA LYS A 100 7.37 -23.38 -31.76
C LYS A 100 7.43 -24.83 -32.27
N GLY A 101 6.29 -25.42 -32.49
CA GLY A 101 6.38 -26.82 -33.01
C GLY A 101 5.28 -27.70 -32.41
N GLY A 102 4.97 -27.35 -31.18
CA GLY A 102 3.92 -28.07 -30.41
C GLY A 102 2.74 -27.10 -30.27
N SER A 103 1.69 -27.69 -29.76
CA SER A 103 0.44 -26.94 -29.54
C SER A 103 -0.09 -27.53 -28.23
N PHE A 104 0.20 -26.91 -27.15
CA PHE A 104 -0.22 -27.30 -25.81
C PHE A 104 -0.22 -25.90 -25.16
N GLN A 105 -1.20 -25.69 -24.36
CA GLN A 105 -1.38 -24.40 -23.71
C GLN A 105 -1.10 -24.46 -22.25
N LEU A 106 -1.24 -23.35 -21.58
CA LEU A 106 -0.95 -23.31 -20.14
C LEU A 106 -1.73 -24.25 -19.26
N ASN A 107 -2.84 -24.76 -19.75
CA ASN A 107 -3.69 -25.67 -18.95
C ASN A 107 -3.41 -27.13 -19.19
N GLU A 108 -2.55 -27.43 -20.13
CA GLU A 108 -2.12 -28.74 -20.56
C GLU A 108 -0.65 -28.95 -20.26
N LEU A 109 -0.10 -28.67 -19.11
CA LEU A 109 1.31 -28.86 -18.80
C LEU A 109 1.55 -30.06 -17.89
N GLN A 110 0.45 -30.68 -17.42
CA GLN A 110 0.69 -31.77 -16.45
C GLN A 110 1.57 -32.82 -17.18
N GLY A 111 2.48 -33.40 -16.41
CA GLY A 111 3.34 -34.38 -17.04
C GLY A 111 4.28 -33.83 -18.10
N LEU A 112 4.55 -32.56 -18.24
CA LEU A 112 5.50 -32.00 -19.21
C LEU A 112 6.74 -31.75 -18.35
N LYS A 113 7.82 -31.34 -19.01
CA LYS A 113 9.09 -31.12 -18.25
C LYS A 113 9.29 -29.60 -18.19
N SER A 114 9.58 -29.06 -17.04
CA SER A 114 9.73 -27.62 -16.88
C SER A 114 11.06 -27.15 -16.35
N CYS A 115 11.42 -25.94 -16.76
CA CYS A 115 12.68 -25.26 -16.34
C CYS A 115 12.33 -23.98 -15.59
N HIS A 116 12.71 -23.84 -14.35
CA HIS A 116 12.44 -22.80 -13.40
C HIS A 116 13.72 -22.08 -13.01
N THR A 117 13.60 -20.79 -12.69
CA THR A 117 14.81 -20.04 -12.32
C THR A 117 15.26 -20.43 -10.95
N GLY A 118 14.44 -20.84 -9.99
CA GLY A 118 15.08 -21.07 -8.65
C GLY A 118 13.92 -21.17 -7.70
N LEU A 119 14.03 -21.87 -6.63
CA LEU A 119 12.94 -22.07 -5.70
C LEU A 119 12.65 -20.70 -5.06
N ARG A 120 11.40 -20.30 -4.90
CA ARG A 120 11.05 -19.00 -4.31
C ARG A 120 11.27 -17.73 -5.10
N ARG A 121 11.58 -17.82 -6.36
CA ARG A 121 11.86 -16.77 -7.30
C ARG A 121 10.53 -16.34 -7.89
N THR A 122 10.50 -15.06 -8.21
CA THR A 122 9.26 -14.47 -8.73
C THR A 122 8.78 -15.17 -9.95
N ALA A 123 9.52 -14.92 -11.02
CA ALA A 123 9.11 -15.51 -12.30
C ALA A 123 9.39 -17.01 -12.45
N GLY A 124 10.38 -17.53 -11.73
CA GLY A 124 10.74 -18.94 -11.81
C GLY A 124 9.86 -19.80 -10.91
N TRP A 125 9.34 -19.36 -9.78
CA TRP A 125 8.53 -20.16 -8.90
C TRP A 125 7.23 -19.52 -8.39
N ASN A 126 7.25 -18.52 -7.53
CA ASN A 126 5.97 -17.92 -7.05
C ASN A 126 4.86 -17.70 -8.06
N VAL A 127 5.11 -17.01 -9.17
CA VAL A 127 4.09 -16.78 -10.19
C VAL A 127 3.58 -18.04 -10.85
N PRO A 128 4.40 -18.87 -11.52
CA PRO A 128 3.85 -20.04 -12.21
C PRO A 128 3.24 -21.00 -11.23
N ILE A 129 3.79 -21.17 -10.07
CA ILE A 129 3.14 -22.21 -9.23
C ILE A 129 1.77 -21.71 -8.83
N GLY A 130 1.65 -20.45 -8.51
CA GLY A 130 0.39 -19.80 -8.14
C GLY A 130 -0.61 -19.86 -9.30
N THR A 131 -0.25 -19.62 -10.53
CA THR A 131 -1.04 -19.73 -11.73
C THR A 131 -1.47 -21.17 -11.93
N LEU A 132 -0.69 -22.20 -11.60
CA LEU A 132 -1.14 -23.56 -11.88
C LEU A 132 -1.80 -24.16 -10.67
N ARG A 133 -1.84 -23.47 -9.55
CA ARG A 133 -2.41 -24.07 -8.34
C ARG A 133 -3.63 -24.94 -8.60
N PRO A 134 -4.58 -24.46 -9.38
CA PRO A 134 -5.79 -25.19 -9.72
C PRO A 134 -5.62 -26.51 -10.44
N PHE A 135 -4.41 -27.00 -10.67
CA PHE A 135 -4.27 -28.26 -11.44
C PHE A 135 -3.35 -29.16 -10.64
N LEU A 136 -2.85 -28.61 -9.58
CA LEU A 136 -1.93 -29.40 -8.78
C LEU A 136 -2.64 -30.39 -7.89
N ASN A 137 -3.91 -30.29 -7.59
CA ASN A 137 -4.61 -31.16 -6.65
C ASN A 137 -3.85 -31.13 -5.30
N TRP A 138 -3.49 -29.93 -4.86
CA TRP A 138 -2.72 -29.88 -3.61
C TRP A 138 -3.77 -29.77 -2.51
N THR A 139 -3.48 -30.63 -1.61
CA THR A 139 -4.17 -30.92 -0.35
C THR A 139 -3.84 -29.92 0.71
N GLY A 140 -2.74 -29.20 0.54
CA GLY A 140 -2.37 -28.10 1.45
C GLY A 140 -1.48 -28.60 2.53
N PRO A 141 -1.18 -27.68 3.40
CA PRO A 141 -0.30 -28.04 4.54
C PRO A 141 -0.86 -29.22 5.34
N PRO A 142 0.05 -30.02 5.88
CA PRO A 142 1.51 -29.83 5.82
C PRO A 142 2.25 -30.40 4.63
N GLU A 143 1.64 -30.86 3.51
CA GLU A 143 2.47 -31.33 2.40
C GLU A 143 2.79 -30.06 1.59
N PRO A 144 4.08 -29.85 1.49
CA PRO A 144 4.67 -28.74 0.78
C PRO A 144 4.07 -28.74 -0.60
N ILE A 145 4.03 -27.57 -1.16
CA ILE A 145 3.44 -27.48 -2.54
C ILE A 145 4.36 -28.21 -3.49
N GLU A 146 5.60 -28.31 -3.05
CA GLU A 146 6.66 -28.92 -3.85
C GLU A 146 6.33 -30.30 -4.31
N ALA A 147 5.87 -31.08 -3.34
CA ALA A 147 5.42 -32.48 -3.58
C ALA A 147 4.31 -32.50 -4.60
N ALA A 148 3.40 -31.50 -4.50
CA ALA A 148 2.30 -31.43 -5.48
C ALA A 148 2.92 -31.08 -6.82
N VAL A 149 3.92 -30.21 -6.92
CA VAL A 149 4.50 -29.86 -8.23
C VAL A 149 5.35 -30.93 -8.93
N ALA A 150 6.05 -31.69 -8.08
CA ALA A 150 6.92 -32.82 -8.40
C ALA A 150 6.15 -33.97 -9.02
N ARG A 151 4.86 -34.05 -8.67
CA ARG A 151 3.89 -35.03 -9.13
C ARG A 151 3.22 -34.56 -10.39
N PHE A 152 3.04 -33.27 -10.50
CA PHE A 152 2.41 -32.62 -11.65
C PHE A 152 3.22 -32.66 -12.93
N PHE A 153 4.48 -32.24 -12.80
CA PHE A 153 5.36 -32.29 -14.00
C PHE A 153 6.22 -33.57 -13.84
N SER A 154 6.62 -34.03 -15.00
CA SER A 154 7.42 -35.29 -15.09
C SER A 154 8.75 -35.25 -14.38
N ALA A 155 9.55 -34.26 -14.72
CA ALA A 155 10.88 -33.92 -14.29
C ALA A 155 10.96 -32.41 -14.50
N SER A 156 11.84 -31.79 -13.73
CA SER A 156 12.02 -30.35 -13.84
C SER A 156 13.41 -29.95 -13.36
N CYS A 157 13.79 -28.73 -13.68
CA CYS A 157 15.04 -28.29 -13.03
C CYS A 157 14.52 -27.16 -12.13
N VAL A 158 14.61 -27.07 -10.84
CA VAL A 158 14.22 -26.12 -9.87
C VAL A 158 15.33 -25.99 -8.85
N PRO A 159 16.29 -25.14 -9.16
CA PRO A 159 17.41 -24.88 -8.28
C PRO A 159 16.96 -24.48 -6.91
N GLY A 160 17.73 -25.02 -5.99
CA GLY A 160 17.51 -24.83 -4.57
C GLY A 160 16.51 -25.91 -4.13
N ALA A 161 15.73 -26.64 -4.89
CA ALA A 161 14.75 -27.62 -4.31
C ALA A 161 15.51 -28.66 -3.50
N ASP A 162 14.79 -29.35 -2.62
CA ASP A 162 15.43 -30.39 -1.77
C ASP A 162 15.58 -31.61 -2.68
N LYS A 163 16.79 -31.93 -3.14
CA LYS A 163 16.91 -33.11 -4.04
C LYS A 163 16.57 -34.42 -3.31
N GLY A 164 16.81 -34.39 -2.02
CA GLY A 164 16.55 -35.57 -1.23
C GLY A 164 15.04 -35.85 -1.31
N GLN A 165 14.31 -34.82 -0.85
CA GLN A 165 12.86 -35.06 -0.83
C GLN A 165 12.07 -34.84 -2.07
N PHE A 166 12.55 -34.03 -2.97
CA PHE A 166 11.82 -33.70 -4.23
C PHE A 166 12.81 -33.90 -5.40
N PRO A 167 13.11 -35.15 -5.53
CA PRO A 167 14.08 -35.58 -6.52
C PRO A 167 13.66 -35.16 -7.90
N ASN A 168 12.39 -35.30 -8.18
CA ASN A 168 11.84 -35.03 -9.51
C ASN A 168 12.10 -33.62 -10.08
N LEU A 169 12.19 -32.72 -9.12
CA LEU A 169 12.38 -31.27 -9.18
C LEU A 169 13.83 -30.89 -9.51
N CYS A 170 14.77 -31.74 -9.19
CA CYS A 170 16.21 -31.54 -9.47
C CYS A 170 16.57 -32.36 -10.71
N ARG A 171 15.60 -33.15 -11.09
CA ARG A 171 15.68 -34.11 -12.18
C ARG A 171 16.49 -33.48 -13.32
N LEU A 172 15.98 -32.53 -14.04
CA LEU A 172 16.62 -31.91 -15.17
C LEU A 172 17.81 -31.04 -14.83
N CYS A 173 18.18 -30.74 -13.61
CA CYS A 173 19.36 -29.90 -13.43
C CYS A 173 20.63 -30.51 -14.01
N ALA A 174 21.47 -29.65 -14.61
CA ALA A 174 22.73 -30.05 -15.26
C ALA A 174 23.94 -30.09 -14.36
N GLY A 175 23.97 -29.53 -13.20
CA GLY A 175 25.10 -29.54 -12.25
C GLY A 175 25.62 -30.96 -12.14
N THR A 176 26.92 -31.02 -11.83
CA THR A 176 27.62 -32.31 -11.68
C THR A 176 27.91 -32.54 -10.21
N GLY A 177 27.43 -33.63 -9.64
CA GLY A 177 27.76 -33.84 -8.23
C GLY A 177 26.91 -33.11 -7.24
N GLU A 178 27.53 -32.60 -6.19
CA GLU A 178 26.63 -31.95 -5.20
C GLU A 178 26.10 -30.62 -5.66
N ASN A 179 26.51 -30.27 -6.88
CA ASN A 179 26.16 -29.09 -7.64
C ASN A 179 24.91 -29.28 -8.51
N LYS A 180 24.51 -30.52 -8.64
CA LYS A 180 23.30 -30.76 -9.42
C LYS A 180 22.16 -30.15 -8.59
N CYS A 181 21.52 -29.14 -9.18
CA CYS A 181 20.39 -28.44 -8.55
C CYS A 181 20.69 -27.36 -7.50
N ALA A 182 21.92 -26.87 -7.43
CA ALA A 182 22.32 -25.84 -6.49
C ALA A 182 21.58 -24.54 -6.85
N PHE A 183 21.54 -23.64 -5.89
CA PHE A 183 20.97 -22.31 -6.10
C PHE A 183 22.21 -21.43 -6.31
N SER A 184 22.84 -21.67 -7.42
CA SER A 184 24.08 -20.92 -7.76
C SER A 184 24.55 -21.24 -9.18
N SER A 185 25.61 -20.57 -9.60
CA SER A 185 26.15 -20.71 -10.96
C SER A 185 26.76 -22.06 -11.36
N GLN A 186 27.03 -22.78 -10.31
CA GLN A 186 27.60 -24.13 -10.33
C GLN A 186 26.57 -24.88 -11.15
N GLU A 187 25.34 -24.53 -10.79
CA GLU A 187 24.24 -25.14 -11.56
C GLU A 187 23.94 -24.31 -12.80
N PRO A 188 24.35 -24.83 -13.94
CA PRO A 188 24.15 -24.23 -15.22
C PRO A 188 22.74 -23.92 -15.56
N TYR A 189 21.75 -24.55 -14.98
CA TYR A 189 20.37 -24.22 -15.44
C TYR A 189 19.63 -23.23 -14.53
N PHE A 190 20.45 -22.58 -13.73
CA PHE A 190 20.16 -21.58 -12.74
C PHE A 190 19.93 -20.18 -13.35
N SER A 191 18.97 -19.52 -12.72
CA SER A 191 18.47 -18.18 -12.93
C SER A 191 17.80 -18.14 -14.27
N TYR A 192 17.62 -16.91 -14.72
CA TYR A 192 16.90 -16.80 -16.01
C TYR A 192 17.52 -17.40 -17.22
N SER A 193 18.82 -17.09 -17.30
CA SER A 193 19.60 -17.61 -18.45
C SER A 193 19.71 -19.11 -18.29
N GLY A 194 20.05 -19.73 -17.17
CA GLY A 194 20.11 -21.21 -17.08
C GLY A 194 18.78 -21.89 -17.42
N ALA A 195 17.68 -21.29 -16.91
CA ALA A 195 16.33 -21.83 -17.16
C ALA A 195 16.00 -21.87 -18.60
N PHE A 196 16.52 -20.86 -19.31
CA PHE A 196 16.30 -20.69 -20.79
C PHE A 196 17.14 -21.71 -21.59
N LYS A 197 18.35 -21.92 -21.05
CA LYS A 197 19.30 -22.88 -21.61
C LYS A 197 18.58 -24.22 -21.42
N CYS A 198 18.16 -24.50 -20.21
CA CYS A 198 17.41 -25.77 -19.97
C CYS A 198 16.45 -26.01 -21.09
N LEU A 199 15.58 -25.09 -21.46
CA LEU A 199 14.59 -25.22 -22.51
C LEU A 199 15.24 -25.37 -23.87
N LYS A 200 16.22 -24.48 -24.09
CA LYS A 200 16.93 -24.43 -25.41
C LYS A 200 17.58 -25.80 -25.69
N ASP A 201 18.29 -26.43 -24.77
CA ASP A 201 18.94 -27.75 -24.88
C ASP A 201 18.00 -28.94 -25.05
N GLY A 202 16.74 -28.61 -25.01
CA GLY A 202 15.63 -29.55 -25.12
C GLY A 202 15.46 -30.27 -23.79
N ALA A 203 16.06 -29.86 -22.68
CA ALA A 203 15.79 -30.63 -21.47
C ALA A 203 14.34 -30.48 -20.95
N GLY A 204 13.67 -29.32 -20.89
CA GLY A 204 12.30 -29.14 -20.37
C GLY A 204 11.52 -28.60 -21.55
N ASP A 205 10.23 -28.60 -21.53
CA ASP A 205 9.25 -28.15 -22.51
C ASP A 205 8.76 -26.68 -22.34
N VAL A 206 8.94 -26.13 -21.17
CA VAL A 206 8.52 -24.75 -20.83
C VAL A 206 9.58 -24.05 -19.99
N ALA A 207 9.83 -22.77 -20.21
CA ALA A 207 10.78 -22.15 -19.28
C ALA A 207 9.99 -21.01 -18.61
N PHE A 208 10.11 -20.83 -17.32
CA PHE A 208 9.50 -19.82 -16.49
C PHE A 208 10.54 -18.77 -16.06
N ILE A 209 10.63 -17.74 -16.87
CA ILE A 209 11.54 -16.59 -16.81
C ILE A 209 10.88 -15.24 -17.07
N ARG A 210 11.68 -14.18 -17.26
CA ARG A 210 11.31 -12.80 -17.51
C ARG A 210 11.20 -12.54 -18.98
N GLU A 211 10.55 -11.48 -19.48
CA GLU A 211 10.29 -11.27 -20.90
C GLU A 211 11.53 -10.99 -21.75
N SER A 212 12.54 -10.49 -21.05
CA SER A 212 13.81 -10.11 -21.61
C SER A 212 14.80 -11.22 -21.91
N THR A 213 14.95 -12.31 -21.20
CA THR A 213 15.93 -13.38 -21.48
C THR A 213 16.13 -13.78 -22.90
N VAL A 214 15.09 -14.08 -23.67
CA VAL A 214 15.23 -14.54 -25.06
C VAL A 214 15.94 -13.53 -25.93
N PHE A 215 15.71 -12.26 -25.68
CA PHE A 215 16.28 -11.14 -26.40
C PHE A 215 17.67 -10.88 -25.79
N GLU A 216 17.96 -11.40 -24.62
CA GLU A 216 19.31 -11.09 -24.13
C GLU A 216 20.24 -12.19 -24.58
N ASP A 217 19.70 -13.37 -24.74
CA ASP A 217 20.48 -14.58 -25.01
C ASP A 217 20.54 -15.02 -26.46
N LEU A 218 19.61 -14.57 -27.25
CA LEU A 218 19.48 -14.84 -28.68
C LEU A 218 19.56 -13.58 -29.56
N SER A 219 20.80 -13.45 -29.97
CA SER A 219 21.26 -12.39 -30.90
C SER A 219 20.39 -12.21 -32.15
N ASP A 220 20.59 -13.23 -32.98
CA ASP A 220 19.86 -13.29 -34.24
C ASP A 220 18.39 -13.13 -33.85
N GLU A 221 17.64 -12.55 -34.73
CA GLU A 221 16.20 -12.36 -34.61
C GLU A 221 15.44 -13.66 -34.88
N ALA A 222 15.70 -14.34 -35.99
CA ALA A 222 15.14 -15.58 -36.48
C ALA A 222 15.42 -16.79 -35.60
N GLU A 223 16.38 -16.59 -34.74
CA GLU A 223 16.87 -17.51 -33.72
C GLU A 223 15.69 -17.51 -32.75
N ARG A 224 15.29 -16.31 -32.39
CA ARG A 224 14.20 -15.96 -31.49
C ARG A 224 12.83 -16.51 -31.90
N ASP A 225 12.76 -16.61 -33.20
CA ASP A 225 11.49 -17.11 -33.76
C ASP A 225 11.24 -18.55 -33.39
N GLU A 226 12.20 -19.32 -32.96
CA GLU A 226 11.87 -20.73 -32.68
C GLU A 226 10.95 -20.83 -31.46
N TYR A 227 10.91 -19.75 -30.72
CA TYR A 227 10.11 -19.65 -29.51
C TYR A 227 8.87 -18.82 -29.66
N GLU A 228 8.07 -19.01 -28.63
CA GLU A 228 6.77 -18.35 -28.36
C GLU A 228 6.38 -18.36 -26.89
N LEU A 229 5.38 -17.56 -26.53
CA LEU A 229 4.88 -17.41 -25.18
C LEU A 229 3.56 -18.17 -25.07
N LEU A 230 3.35 -18.63 -23.85
CA LEU A 230 2.18 -19.35 -23.37
C LEU A 230 1.49 -18.19 -22.59
N CYS A 231 0.32 -17.90 -23.13
CA CYS A 231 -0.50 -16.84 -22.53
C CYS A 231 -1.53 -17.61 -21.68
N PRO A 232 -1.95 -16.75 -20.78
CA PRO A 232 -2.92 -17.19 -19.78
C PRO A 232 -4.30 -17.43 -20.32
N ASP A 233 -4.61 -17.15 -21.57
CA ASP A 233 -5.96 -17.36 -22.13
C ASP A 233 -5.87 -18.57 -23.05
N ASN A 234 -4.85 -19.31 -22.67
CA ASN A 234 -4.43 -20.52 -23.30
C ASN A 234 -4.29 -20.25 -24.79
N THR A 235 -3.52 -19.28 -25.13
CA THR A 235 -3.25 -18.95 -26.54
C THR A 235 -1.73 -18.88 -26.74
N ARG A 236 -1.14 -18.91 -27.93
CA ARG A 236 0.34 -18.79 -28.01
C ARG A 236 0.49 -17.50 -28.80
N LYS A 237 1.47 -16.71 -28.54
CA LYS A 237 1.76 -15.41 -29.19
C LYS A 237 3.27 -15.31 -29.24
N PRO A 238 3.88 -14.41 -29.95
CA PRO A 238 5.32 -14.24 -30.09
C PRO A 238 5.95 -13.70 -28.83
N VAL A 239 7.25 -13.89 -28.83
CA VAL A 239 7.97 -13.44 -27.62
C VAL A 239 7.90 -11.95 -27.42
N ASP A 240 7.48 -11.27 -28.46
CA ASP A 240 7.36 -9.80 -28.31
C ASP A 240 5.98 -9.39 -27.79
N LYS A 241 4.99 -10.25 -27.76
CA LYS A 241 3.66 -10.00 -27.24
C LYS A 241 3.57 -10.12 -25.71
N PHE A 242 4.67 -10.01 -24.99
CA PHE A 242 4.67 -10.17 -23.53
C PHE A 242 3.69 -9.28 -22.81
N LYS A 243 3.56 -8.05 -23.19
CA LYS A 243 2.66 -7.09 -22.59
C LYS A 243 1.26 -7.67 -22.74
N ASP A 244 0.96 -8.45 -23.75
CA ASP A 244 -0.38 -9.04 -23.94
C ASP A 244 -0.28 -10.54 -23.66
N CYS A 245 0.81 -10.98 -23.06
CA CYS A 245 0.91 -12.45 -22.88
C CYS A 245 1.96 -12.82 -21.85
N HIS A 246 1.66 -12.47 -20.61
CA HIS A 246 2.47 -12.68 -19.42
C HIS A 246 1.70 -13.33 -18.28
N LEU A 247 2.37 -13.98 -17.33
CA LEU A 247 1.61 -14.60 -16.28
C LEU A 247 1.45 -13.52 -15.24
N ALA A 248 2.34 -12.55 -15.21
CA ALA A 248 2.20 -11.49 -14.17
C ALA A 248 3.15 -10.36 -14.45
N ARG A 249 2.91 -9.27 -13.82
CA ARG A 249 3.74 -8.01 -13.94
C ARG A 249 4.11 -7.86 -12.47
N VAL A 250 5.41 -7.94 -12.19
CA VAL A 250 5.90 -7.97 -10.82
C VAL A 250 6.93 -6.89 -10.62
N PRO A 251 7.09 -6.50 -9.36
CA PRO A 251 8.09 -5.48 -9.04
C PRO A 251 9.50 -5.92 -9.42
N SER A 252 10.38 -4.98 -9.76
CA SER A 252 11.77 -5.27 -10.15
C SER A 252 12.62 -5.64 -8.94
N HIS A 253 13.77 -6.29 -9.11
CA HIS A 253 14.63 -6.63 -7.97
C HIS A 253 14.95 -5.37 -7.20
N ALA A 254 15.32 -5.33 -5.95
CA ALA A 254 15.62 -4.16 -5.15
C ALA A 254 16.74 -4.47 -4.18
N VAL A 255 17.41 -3.43 -3.80
CA VAL A 255 18.55 -3.43 -2.86
C VAL A 255 17.87 -3.36 -1.50
N VAL A 256 18.08 -4.17 -0.50
CA VAL A 256 17.33 -3.98 0.75
C VAL A 256 18.38 -3.59 1.77
N ALA A 257 18.05 -2.82 2.76
CA ALA A 257 18.91 -2.38 3.87
C ALA A 257 18.06 -2.62 5.12
N ARG A 258 18.65 -2.42 6.27
CA ARG A 258 17.95 -2.53 7.55
C ARG A 258 16.93 -1.34 7.57
N SER A 259 15.89 -1.61 8.34
CA SER A 259 14.77 -0.70 8.56
C SER A 259 15.21 0.27 9.68
N VAL A 260 16.04 -0.16 10.60
CA VAL A 260 16.53 0.61 11.73
C VAL A 260 17.70 1.58 11.53
N ASN A 261 18.90 1.00 11.55
CA ASN A 261 20.08 1.91 11.37
C ASN A 261 20.74 1.53 10.06
N GLY A 262 19.98 1.66 9.00
CA GLY A 262 20.15 1.31 7.64
C GLY A 262 21.14 1.71 6.62
N LYS A 263 21.50 2.95 6.80
CA LYS A 263 22.49 3.61 5.94
C LYS A 263 21.96 3.88 4.56
N GLU A 264 20.67 4.09 4.50
CA GLU A 264 19.99 4.33 3.23
C GLU A 264 20.64 5.45 2.44
N ASP A 265 21.03 6.55 3.11
CA ASP A 265 21.64 7.74 2.48
C ASP A 265 22.84 7.34 1.62
N ALA A 266 23.69 6.73 2.41
CA ALA A 266 24.98 6.15 1.97
C ALA A 266 24.77 5.24 0.76
N ILE A 267 23.88 4.28 0.99
CA ILE A 267 23.57 3.35 -0.10
C ILE A 267 23.07 4.11 -1.31
N TRP A 268 22.16 5.06 -1.05
CA TRP A 268 21.65 5.82 -2.19
C TRP A 268 22.79 6.66 -2.77
N ASN A 269 23.61 7.33 -1.98
CA ASN A 269 24.71 8.14 -2.60
C ASN A 269 25.62 7.24 -3.42
N LEU A 270 26.15 6.17 -2.86
CA LEU A 270 26.97 5.20 -3.60
C LEU A 270 26.35 4.80 -4.92
N LEU A 271 25.11 4.35 -4.95
CA LEU A 271 24.37 3.90 -6.14
C LEU A 271 24.19 4.89 -7.24
N ARG A 272 23.91 6.08 -6.83
CA ARG A 272 23.69 7.28 -7.67
C ARG A 272 24.96 7.62 -8.48
N GLN A 273 26.09 7.82 -7.80
CA GLN A 273 27.42 8.12 -8.34
C GLN A 273 27.92 7.02 -9.31
N ALA A 274 27.74 5.81 -8.83
CA ALA A 274 28.10 4.57 -9.49
C ALA A 274 27.32 4.47 -10.77
N GLN A 275 26.07 4.88 -10.72
CA GLN A 275 25.37 4.68 -12.02
C GLN A 275 25.69 5.83 -12.95
N GLU A 276 26.29 6.87 -12.41
CA GLU A 276 26.64 8.08 -13.24
C GLU A 276 27.87 7.67 -14.02
N LYS A 277 28.91 7.33 -13.28
CA LYS A 277 30.25 6.92 -13.60
C LYS A 277 30.32 5.58 -14.34
N PHE A 278 30.01 4.53 -13.58
CA PHE A 278 30.02 3.17 -14.18
C PHE A 278 28.78 2.57 -14.80
N GLY A 279 27.65 3.26 -14.88
CA GLY A 279 26.39 2.83 -15.44
C GLY A 279 26.34 2.43 -16.89
N LYS A 280 25.19 2.35 -17.49
CA LYS A 280 24.88 1.97 -18.87
C LYS A 280 25.70 2.69 -19.92
N ASP A 281 26.67 1.98 -20.46
CA ASP A 281 27.64 2.38 -21.48
C ASP A 281 28.30 3.73 -21.17
N LYS A 282 29.30 3.58 -20.29
CA LYS A 282 29.98 4.82 -19.89
C LYS A 282 31.08 4.58 -18.86
N SER A 283 32.02 3.80 -19.32
CA SER A 283 33.25 3.50 -18.58
C SER A 283 33.73 2.06 -18.75
N PRO A 284 34.54 1.89 -19.79
CA PRO A 284 35.11 0.57 -20.12
C PRO A 284 36.00 0.18 -18.97
N LYS A 285 36.34 1.03 -18.02
CA LYS A 285 37.14 0.57 -16.86
C LYS A 285 36.38 -0.53 -16.10
N PHE A 286 35.12 -0.26 -15.78
CA PHE A 286 34.11 -1.00 -15.07
C PHE A 286 32.66 -0.77 -15.53
N GLN A 287 31.90 -1.85 -15.42
CA GLN A 287 30.47 -1.84 -15.82
C GLN A 287 29.57 -2.45 -14.75
N LEU A 288 28.88 -1.52 -14.08
CA LEU A 288 28.00 -1.97 -12.98
C LEU A 288 26.92 -2.87 -13.56
N PHE A 289 26.42 -2.81 -14.77
CA PHE A 289 25.35 -3.72 -15.20
C PHE A 289 25.81 -4.63 -16.33
N GLY A 290 27.00 -5.18 -16.20
CA GLY A 290 27.48 -6.11 -17.27
C GLY A 290 28.26 -7.15 -16.51
N SER A 291 28.36 -8.34 -17.06
CA SER A 291 29.10 -9.47 -16.46
C SER A 291 30.06 -10.20 -17.41
N PRO A 292 31.21 -10.62 -16.87
CA PRO A 292 32.25 -11.41 -17.54
C PRO A 292 31.61 -12.55 -18.31
N SER A 293 32.17 -12.77 -19.48
CA SER A 293 31.77 -13.78 -20.45
C SER A 293 31.47 -15.09 -19.70
N GLY A 294 32.07 -15.11 -18.50
CA GLY A 294 31.71 -16.31 -17.70
C GLY A 294 30.17 -16.15 -17.45
N GLN A 295 29.93 -15.29 -16.47
CA GLN A 295 28.83 -14.80 -15.73
C GLN A 295 27.57 -14.23 -16.35
N LYS A 296 26.69 -14.07 -15.35
CA LYS A 296 25.34 -13.54 -15.64
C LYS A 296 24.83 -12.90 -14.36
N ASP A 297 24.25 -11.70 -14.53
CA ASP A 297 23.66 -10.89 -13.47
C ASP A 297 24.48 -10.86 -12.22
N LEU A 298 25.68 -10.33 -12.25
CA LEU A 298 26.51 -10.27 -11.05
C LEU A 298 26.21 -8.93 -10.38
N LEU A 299 25.79 -9.03 -9.16
CA LEU A 299 25.43 -8.01 -8.22
C LEU A 299 24.08 -7.35 -8.47
N PHE A 300 23.85 -7.07 -9.71
CA PHE A 300 22.71 -6.38 -10.27
C PHE A 300 22.38 -7.09 -11.59
N LYS A 301 21.18 -6.83 -12.07
CA LYS A 301 20.72 -7.50 -13.27
C LYS A 301 21.52 -6.94 -14.45
N ASP A 302 21.97 -7.87 -15.29
CA ASP A 302 22.68 -7.40 -16.48
C ASP A 302 21.68 -6.57 -17.32
N SER A 303 22.24 -5.45 -17.76
CA SER A 303 21.45 -4.54 -18.57
C SER A 303 20.31 -3.84 -17.81
N ALA A 304 20.36 -3.65 -16.50
CA ALA A 304 19.33 -2.86 -15.77
C ALA A 304 19.69 -1.44 -16.30
N ILE A 305 18.90 -0.37 -16.23
CA ILE A 305 19.44 0.89 -16.75
C ILE A 305 19.77 1.84 -15.63
N GLY A 306 19.59 1.50 -14.39
CA GLY A 306 19.86 2.35 -13.21
C GLY A 306 19.02 1.90 -12.00
N PHE A 307 18.92 2.73 -11.01
CA PHE A 307 18.23 2.62 -9.73
C PHE A 307 17.21 3.75 -9.66
N SER A 308 16.18 3.45 -8.93
CA SER A 308 15.04 4.33 -8.59
C SER A 308 14.91 4.13 -7.10
N ARG A 309 15.09 5.17 -6.37
CA ARG A 309 15.02 5.19 -4.90
C ARG A 309 13.59 4.92 -4.39
N VAL A 310 13.46 4.13 -3.34
CA VAL A 310 12.17 3.78 -2.76
C VAL A 310 11.84 4.70 -1.59
N PRO A 311 10.70 5.42 -1.73
CA PRO A 311 10.14 6.36 -0.72
C PRO A 311 10.21 5.69 0.64
N PRO A 312 10.63 6.43 1.62
CA PRO A 312 10.80 5.86 2.95
C PRO A 312 9.55 5.24 3.51
N ARG A 313 8.34 5.39 2.98
CA ARG A 313 7.24 4.65 3.68
C ARG A 313 7.10 3.15 3.34
N ILE A 314 7.71 2.74 2.20
CA ILE A 314 7.59 1.40 1.62
C ILE A 314 8.33 0.37 2.41
N ASP A 315 7.55 -0.68 2.65
CA ASP A 315 8.14 -1.84 3.39
C ASP A 315 8.02 -2.96 2.34
N SER A 316 8.41 -4.18 2.65
CA SER A 316 8.36 -5.27 1.65
C SER A 316 6.99 -5.51 1.14
N GLY A 317 6.08 -5.56 2.09
CA GLY A 317 4.71 -5.82 1.57
C GLY A 317 4.17 -4.75 0.72
N LEU A 318 4.39 -3.45 0.97
CA LEU A 318 3.83 -2.39 0.05
C LEU A 318 4.66 -2.45 -1.25
N TYR A 319 5.99 -2.76 -1.10
CA TYR A 319 6.81 -2.86 -2.30
C TYR A 319 6.33 -3.88 -3.28
N LEU A 320 5.93 -5.04 -2.68
CA LEU A 320 5.43 -6.18 -3.43
C LEU A 320 4.06 -5.99 -3.96
N GLY A 321 3.14 -5.31 -3.32
CA GLY A 321 1.80 -5.24 -3.98
C GLY A 321 0.89 -6.22 -3.25
N SER A 322 -0.36 -5.76 -3.17
CA SER A 322 -1.46 -6.52 -2.54
C SER A 322 -1.41 -7.95 -3.13
N GLY A 323 -1.49 -7.93 -4.44
CA GLY A 323 -1.52 -9.02 -5.39
C GLY A 323 -0.42 -10.04 -5.14
N TYR A 324 0.80 -9.67 -5.48
CA TYR A 324 1.99 -10.48 -5.33
C TYR A 324 2.26 -10.83 -3.87
N PHE A 325 2.10 -9.85 -3.01
CA PHE A 325 2.36 -10.20 -1.60
C PHE A 325 1.50 -11.36 -1.06
N THR A 326 0.23 -11.30 -1.40
CA THR A 326 -0.81 -12.22 -0.97
C THR A 326 -0.58 -13.56 -1.62
N ALA A 327 -0.25 -13.46 -2.90
CA ALA A 327 0.05 -14.66 -3.72
C ALA A 327 1.15 -15.42 -3.07
N ILE A 328 2.18 -14.91 -2.48
CA ILE A 328 3.31 -15.57 -1.81
C ILE A 328 2.88 -16.22 -0.50
N GLN A 329 2.01 -15.52 0.21
CA GLN A 329 1.44 -15.99 1.51
C GLN A 329 0.54 -17.19 1.24
N ASN A 330 -0.33 -17.13 0.27
CA ASN A 330 -1.19 -18.20 -0.14
C ASN A 330 -0.57 -19.56 -0.49
N LEU A 331 0.67 -19.55 -0.91
CA LEU A 331 1.41 -20.71 -1.33
C LEU A 331 1.63 -21.64 -0.12
N ARG A 332 1.41 -21.02 1.03
CA ARG A 332 1.61 -21.78 2.29
C ARG A 332 0.24 -21.93 3.02
N LYS A 333 -0.80 -21.94 2.20
CA LYS A 333 -2.14 -22.05 2.79
C LYS A 333 -3.06 -23.00 2.09
N SER A 334 -3.91 -23.69 2.81
CA SER A 334 -4.87 -24.57 2.14
C SER A 334 -5.74 -23.60 1.35
N GLU A 335 -6.43 -24.17 0.45
CA GLU A 335 -7.37 -23.46 -0.43
C GLU A 335 -8.68 -23.09 0.25
N GLU A 336 -8.93 -23.62 1.42
CA GLU A 336 -10.13 -23.44 2.23
C GLU A 336 -9.84 -22.27 3.16
N GLU A 337 -8.60 -22.28 3.55
CA GLU A 337 -8.10 -21.19 4.40
C GLU A 337 -8.08 -20.00 3.45
N VAL A 338 -7.59 -20.03 2.22
CA VAL A 338 -7.54 -18.98 1.22
C VAL A 338 -8.94 -18.52 0.85
N ALA A 339 -9.87 -19.43 0.73
CA ALA A 339 -11.27 -19.09 0.38
C ALA A 339 -12.00 -18.49 1.58
N ALA A 340 -11.55 -18.79 2.77
CA ALA A 340 -12.24 -18.21 3.93
C ALA A 340 -11.80 -16.76 4.10
N ARG A 341 -10.54 -16.53 3.79
CA ARG A 341 -9.98 -15.20 3.94
C ARG A 341 -10.57 -14.23 2.94
N ARG A 342 -10.90 -14.75 1.78
CA ARG A 342 -11.49 -13.87 0.80
C ARG A 342 -12.97 -13.52 1.09
N ALA A 343 -13.68 -14.39 1.81
CA ALA A 343 -15.12 -14.27 2.15
C ALA A 343 -15.26 -13.33 3.34
N ARG A 344 -14.20 -13.25 4.13
CA ARG A 344 -14.23 -12.47 5.31
C ARG A 344 -13.75 -11.04 4.97
N VAL A 345 -14.35 -10.11 5.70
CA VAL A 345 -14.08 -8.70 5.62
C VAL A 345 -13.28 -8.32 6.84
N VAL A 346 -12.08 -7.77 6.66
CA VAL A 346 -11.25 -7.34 7.79
C VAL A 346 -11.33 -5.80 7.91
N TRP A 347 -11.87 -5.26 8.97
CA TRP A 347 -12.11 -3.86 9.22
C TRP A 347 -10.87 -3.24 9.80
N CYS A 348 -10.64 -1.99 9.36
CA CYS A 348 -9.45 -1.32 9.95
C CYS A 348 -10.06 -0.23 10.83
N ALA A 349 -9.76 -0.33 12.11
CA ALA A 349 -10.10 0.43 13.28
C ALA A 349 -8.90 1.30 13.54
N VAL A 350 -9.12 2.57 13.74
CA VAL A 350 -8.16 3.65 14.00
C VAL A 350 -8.23 3.97 15.49
N GLY A 351 -7.31 3.44 16.29
CA GLY A 351 -7.29 3.67 17.73
C GLY A 351 -8.17 2.57 18.35
N GLU A 352 -7.93 2.46 19.62
CA GLU A 352 -8.46 1.56 20.64
C GLU A 352 -9.97 1.60 20.79
N GLN A 353 -10.60 2.76 20.86
CA GLN A 353 -12.07 2.88 21.01
C GLN A 353 -12.76 2.28 19.80
N GLU A 354 -12.18 2.55 18.65
CA GLU A 354 -12.78 2.02 17.44
C GLU A 354 -12.49 0.53 17.39
N LEU A 355 -11.30 0.13 17.87
CA LEU A 355 -11.07 -1.35 17.85
C LEU A 355 -12.10 -2.07 18.74
N ARG A 356 -12.41 -1.48 19.90
CA ARG A 356 -13.40 -2.01 20.83
C ARG A 356 -14.72 -2.25 20.15
N LYS A 357 -15.27 -1.26 19.52
CA LYS A 357 -16.58 -1.43 18.85
C LYS A 357 -16.49 -2.44 17.73
N CYS A 358 -15.31 -2.46 17.09
CA CYS A 358 -15.15 -3.40 15.96
C CYS A 358 -15.26 -4.80 16.59
N ASN A 359 -14.55 -5.06 17.66
CA ASN A 359 -14.57 -6.42 18.31
C ASN A 359 -16.02 -6.81 18.55
N GLN A 360 -16.69 -5.87 19.18
CA GLN A 360 -18.14 -5.99 19.45
C GLN A 360 -18.86 -6.30 18.15
N TRP A 361 -18.66 -5.62 17.07
CA TRP A 361 -19.38 -5.96 15.83
C TRP A 361 -19.03 -7.35 15.28
N SER A 362 -17.76 -7.62 15.54
CA SER A 362 -17.13 -8.84 15.05
C SER A 362 -17.77 -10.11 15.60
N GLY A 363 -17.78 -10.17 16.93
CA GLY A 363 -18.38 -11.31 17.64
C GLY A 363 -19.80 -11.56 17.16
N LEU A 364 -20.56 -10.60 16.64
CA LEU A 364 -21.93 -10.66 16.16
C LEU A 364 -22.11 -10.75 14.66
N SER A 365 -21.04 -10.78 13.90
CA SER A 365 -21.11 -10.93 12.45
C SER A 365 -21.30 -12.35 11.95
N GLU A 366 -21.23 -13.37 12.81
CA GLU A 366 -21.36 -14.77 12.39
C GLU A 366 -20.24 -15.09 11.41
N GLY A 367 -19.07 -14.71 11.86
CA GLY A 367 -17.77 -14.77 11.21
C GLY A 367 -17.57 -14.03 9.91
N SER A 368 -18.35 -13.02 9.56
CA SER A 368 -18.22 -12.30 8.31
C SER A 368 -17.37 -11.04 8.43
N VAL A 369 -17.07 -10.60 9.62
CA VAL A 369 -16.31 -9.38 9.85
C VAL A 369 -15.26 -9.60 10.94
N THR A 370 -14.05 -9.18 10.57
CA THR A 370 -13.02 -9.30 11.59
C THR A 370 -12.28 -7.99 11.71
N CYS A 371 -11.53 -7.76 12.72
CA CYS A 371 -10.85 -6.52 12.98
C CYS A 371 -9.36 -6.39 12.92
N SER A 372 -9.01 -5.19 12.50
CA SER A 372 -7.60 -4.83 12.38
C SER A 372 -7.44 -3.45 12.97
N SER A 373 -6.26 -3.01 13.26
CA SER A 373 -6.15 -1.66 13.86
C SER A 373 -4.84 -0.98 13.54
N ALA A 374 -4.74 0.31 13.58
CA ALA A 374 -3.56 1.15 13.29
C ALA A 374 -3.74 2.38 14.20
N SER A 375 -2.76 3.24 14.30
CA SER A 375 -2.97 4.40 15.17
C SER A 375 -3.30 5.66 14.38
N THR A 376 -3.38 5.63 13.08
CA THR A 376 -3.73 6.71 12.15
C THR A 376 -4.39 6.02 10.99
N THR A 377 -5.11 6.77 10.20
CA THR A 377 -5.88 6.49 9.00
C THR A 377 -4.92 6.07 7.89
N GLU A 378 -3.84 6.80 7.79
CA GLU A 378 -2.80 6.46 6.80
C GLU A 378 -2.26 5.07 7.05
N ASP A 379 -2.00 4.55 8.20
CA ASP A 379 -1.57 3.24 8.66
C ASP A 379 -2.61 2.18 8.32
N CYS A 380 -3.89 2.51 8.48
CA CYS A 380 -5.03 1.72 8.11
C CYS A 380 -5.09 1.59 6.60
N ILE A 381 -4.91 2.67 5.86
CA ILE A 381 -4.90 2.66 4.37
C ILE A 381 -3.65 1.83 4.00
N ALA A 382 -2.49 2.00 4.58
CA ALA A 382 -1.33 1.17 4.33
C ALA A 382 -1.71 -0.28 4.67
N LEU A 383 -2.45 -0.70 5.71
CA LEU A 383 -2.82 -2.10 5.89
C LEU A 383 -3.74 -2.64 4.84
N VAL A 384 -4.58 -1.85 4.18
CA VAL A 384 -5.50 -2.37 3.19
C VAL A 384 -4.76 -2.57 1.89
N LEU A 385 -3.78 -1.78 1.61
CA LEU A 385 -2.97 -1.94 0.36
C LEU A 385 -2.22 -3.30 0.42
N LYS A 386 -1.68 -3.68 1.56
CA LYS A 386 -0.93 -4.85 1.89
C LYS A 386 -1.87 -6.05 1.97
N GLY A 387 -3.14 -5.74 1.88
CA GLY A 387 -4.14 -6.81 1.89
C GLY A 387 -4.26 -7.35 3.31
N GLU A 388 -3.66 -6.68 4.26
CA GLU A 388 -3.84 -7.18 5.65
C GLU A 388 -5.12 -6.78 6.35
N ALA A 389 -5.82 -5.79 5.81
CA ALA A 389 -7.07 -5.20 6.26
C ALA A 389 -7.80 -5.01 4.97
N ASP A 390 -9.12 -4.83 5.05
CA ASP A 390 -9.85 -4.63 3.78
C ASP A 390 -10.66 -3.33 3.56
N ALA A 391 -11.23 -2.75 4.62
CA ALA A 391 -12.11 -1.62 4.53
C ALA A 391 -12.12 -0.83 5.80
N MET A 392 -12.56 0.39 5.59
CA MET A 392 -12.77 1.48 6.55
C MET A 392 -13.60 2.56 5.89
N SER A 393 -14.32 3.33 6.72
CA SER A 393 -15.18 4.41 6.24
C SER A 393 -14.27 5.64 6.26
N LEU A 394 -14.19 6.40 5.17
CA LEU A 394 -13.25 7.55 5.33
C LEU A 394 -13.82 8.93 5.02
N ASP A 395 -13.21 9.96 5.52
CA ASP A 395 -13.63 11.36 5.19
C ASP A 395 -13.31 11.66 3.75
N GLY A 396 -13.96 12.40 2.92
CA GLY A 396 -13.59 12.63 1.52
C GLY A 396 -12.10 13.04 1.34
N GLY A 397 -11.38 13.59 2.27
CA GLY A 397 -10.01 14.00 2.22
C GLY A 397 -9.13 12.78 2.11
N TYR A 398 -9.54 11.71 2.71
CA TYR A 398 -8.94 10.37 2.79
C TYR A 398 -9.34 9.55 1.59
N VAL A 399 -10.51 9.79 1.03
CA VAL A 399 -11.01 9.14 -0.18
C VAL A 399 -10.08 9.45 -1.36
N TYR A 400 -9.61 10.68 -1.41
CA TYR A 400 -8.67 11.17 -2.38
C TYR A 400 -7.35 10.41 -2.21
N THR A 401 -6.70 10.40 -1.06
CA THR A 401 -5.46 9.71 -0.72
C THR A 401 -5.59 8.23 -1.08
N ALA A 402 -6.61 7.53 -0.57
CA ALA A 402 -6.81 6.12 -0.80
C ALA A 402 -6.91 5.84 -2.28
N GLY A 403 -7.50 6.84 -2.87
CA GLY A 403 -7.81 6.80 -4.31
C GLY A 403 -6.53 7.00 -5.09
N LYS A 404 -5.67 7.89 -4.65
CA LYS A 404 -4.43 8.04 -5.46
C LYS A 404 -3.66 6.72 -5.26
N CYS A 405 -4.06 5.91 -4.30
CA CYS A 405 -3.36 4.69 -3.96
C CYS A 405 -4.00 3.49 -4.62
N GLY A 406 -5.07 3.68 -5.33
CA GLY A 406 -5.73 2.57 -5.98
C GLY A 406 -6.95 1.93 -5.36
N LEU A 407 -7.38 2.35 -4.20
CA LEU A 407 -8.56 1.91 -3.48
C LEU A 407 -9.78 2.58 -4.09
N VAL A 408 -10.91 1.93 -4.09
CA VAL A 408 -12.13 2.56 -4.64
C VAL A 408 -13.23 2.72 -3.59
N PRO A 409 -14.08 3.74 -3.78
CA PRO A 409 -15.25 4.02 -2.93
C PRO A 409 -16.25 2.89 -3.15
N VAL A 410 -16.86 2.28 -2.11
CA VAL A 410 -17.79 1.14 -2.36
C VAL A 410 -19.23 1.56 -2.02
N LEU A 411 -19.47 2.12 -0.85
CA LEU A 411 -20.78 2.57 -0.36
C LEU A 411 -20.46 3.87 0.40
N ALA A 412 -21.46 4.74 0.41
CA ALA A 412 -21.25 6.01 1.15
C ALA A 412 -22.11 6.15 2.37
N GLU A 413 -21.70 6.89 3.40
CA GLU A 413 -22.57 7.11 4.57
C GLU A 413 -23.67 8.06 4.09
N ASN A 414 -24.93 7.67 4.26
CA ASN A 414 -26.13 8.41 3.84
C ASN A 414 -26.64 9.02 5.13
N TYR A 415 -26.85 10.32 5.16
CA TYR A 415 -27.35 11.03 6.35
C TYR A 415 -28.75 11.56 5.97
N LYS A 416 -29.51 11.83 7.01
CA LYS A 416 -30.86 12.43 6.93
C LYS A 416 -30.92 13.43 5.77
N SER A 417 -31.84 13.20 4.86
CA SER A 417 -32.04 14.00 3.64
C SER A 417 -32.56 15.41 3.91
N GLN A 418 -32.49 16.10 2.76
CA GLN A 418 -32.95 17.49 2.53
C GLN A 418 -34.51 17.43 2.60
N GLN A 419 -34.78 16.28 3.21
CA GLN A 419 -35.87 15.45 3.64
C GLN A 419 -36.62 15.01 2.37
N SER A 420 -36.60 13.70 2.24
CA SER A 420 -37.25 12.98 1.10
C SER A 420 -38.36 12.18 1.81
N SER A 421 -37.92 11.40 2.80
CA SER A 421 -38.95 10.66 3.57
C SER A 421 -38.48 11.01 5.02
N ASP A 422 -38.94 10.14 5.86
CA ASP A 422 -38.84 9.95 7.32
C ASP A 422 -37.86 8.81 7.55
N PRO A 423 -38.07 7.96 8.55
CA PRO A 423 -37.16 6.78 8.73
C PRO A 423 -37.35 6.15 7.33
N ASP A 424 -36.48 6.61 6.43
CA ASP A 424 -36.54 6.26 5.02
C ASP A 424 -36.15 4.86 4.59
N PRO A 425 -37.14 4.12 4.12
CA PRO A 425 -36.93 2.75 3.64
C PRO A 425 -36.06 2.59 2.40
N ASN A 426 -35.74 3.68 1.74
CA ASN A 426 -34.91 3.63 0.52
C ASN A 426 -33.62 4.37 0.73
N CYS A 427 -33.32 4.36 2.02
CA CYS A 427 -32.08 5.05 2.34
C CYS A 427 -30.92 4.46 1.56
N VAL A 428 -31.05 3.29 0.95
CA VAL A 428 -30.01 2.58 0.23
C VAL A 428 -29.85 3.05 -1.20
N ASP A 429 -30.88 3.51 -1.83
CA ASP A 429 -30.71 4.01 -3.22
C ASP A 429 -30.86 5.52 -3.27
N ARG A 430 -31.25 6.06 -2.13
CA ARG A 430 -31.37 7.51 -2.04
C ARG A 430 -29.97 8.07 -2.26
N PRO A 431 -29.73 8.81 -3.32
CA PRO A 431 -28.44 9.42 -3.64
C PRO A 431 -28.03 10.28 -2.44
N VAL A 432 -26.73 10.32 -2.22
CA VAL A 432 -26.16 11.10 -1.11
C VAL A 432 -26.34 12.60 -1.42
N GLU A 433 -26.43 13.41 -0.39
CA GLU A 433 -26.62 14.84 -0.46
C GLU A 433 -25.43 15.65 0.00
N GLY A 434 -24.42 15.06 0.61
CA GLY A 434 -23.25 15.81 1.09
C GLY A 434 -23.53 16.32 2.48
N TYR A 435 -22.59 16.91 3.16
CA TYR A 435 -22.71 17.49 4.48
C TYR A 435 -22.28 19.01 4.38
N LEU A 436 -22.71 19.84 5.27
CA LEU A 436 -22.30 21.23 5.17
C LEU A 436 -21.15 21.47 6.09
N ALA A 437 -20.04 22.04 5.64
CA ALA A 437 -18.87 22.49 6.41
C ALA A 437 -19.16 23.88 7.00
N VAL A 438 -19.03 24.10 8.31
CA VAL A 438 -19.35 25.37 8.96
C VAL A 438 -18.28 25.71 9.98
N ALA A 439 -18.24 27.00 10.30
CA ALA A 439 -17.30 27.57 11.27
C ALA A 439 -18.19 28.03 12.40
N VAL A 440 -18.08 27.46 13.55
CA VAL A 440 -18.85 27.69 14.74
C VAL A 440 -18.14 28.61 15.71
N VAL A 441 -18.82 29.56 16.34
CA VAL A 441 -18.18 30.50 17.29
C VAL A 441 -19.22 30.62 18.41
N ARG A 442 -18.76 31.14 19.51
CA ARG A 442 -19.53 31.46 20.72
C ARG A 442 -20.36 32.73 20.36
N ARG A 443 -21.66 32.61 20.66
CA ARG A 443 -22.60 33.70 20.37
C ARG A 443 -22.04 35.02 20.93
N SER A 444 -21.56 34.93 22.15
CA SER A 444 -21.00 36.12 22.82
C SER A 444 -19.87 36.89 22.17
N ASP A 445 -19.17 36.37 21.20
CA ASP A 445 -18.03 36.94 20.49
C ASP A 445 -18.72 37.67 19.37
N THR A 446 -19.44 38.67 19.74
CA THR A 446 -20.22 39.36 18.68
C THR A 446 -19.42 39.89 17.53
N SER A 447 -18.19 40.25 17.76
CA SER A 447 -17.12 40.81 16.92
C SER A 447 -16.36 40.02 15.87
N LEU A 448 -16.42 38.71 16.03
CA LEU A 448 -15.78 37.67 15.27
C LEU A 448 -16.53 37.44 13.97
N THR A 449 -15.94 37.58 12.82
CA THR A 449 -16.65 37.27 11.55
C THR A 449 -15.66 36.52 10.66
N TRP A 450 -15.98 36.00 9.51
CA TRP A 450 -15.11 35.27 8.57
C TRP A 450 -13.82 36.01 8.32
N ASN A 451 -13.89 37.25 7.94
CA ASN A 451 -12.77 38.18 7.65
C ASN A 451 -12.05 38.61 8.93
N SER A 452 -12.41 38.27 10.14
CA SER A 452 -11.64 38.63 11.32
C SER A 452 -11.25 37.36 12.11
N VAL A 453 -11.40 36.19 11.49
CA VAL A 453 -11.13 34.84 12.09
C VAL A 453 -9.62 34.56 12.08
N LYS A 454 -8.93 34.97 11.02
CA LYS A 454 -7.50 34.87 10.81
C LYS A 454 -6.70 35.49 11.96
N GLY A 455 -5.74 34.73 12.46
CA GLY A 455 -4.95 35.18 13.62
C GLY A 455 -5.55 34.83 14.96
N LYS A 456 -6.76 34.26 15.00
CA LYS A 456 -7.38 33.85 16.30
C LYS A 456 -7.04 32.41 16.59
N LYS A 457 -7.57 31.74 17.58
CA LYS A 457 -7.26 30.34 17.81
C LYS A 457 -8.29 29.42 17.18
N SER A 458 -7.93 28.34 16.55
CA SER A 458 -8.89 27.50 15.86
C SER A 458 -8.93 26.09 16.35
N CYS A 459 -9.99 25.41 16.01
CA CYS A 459 -10.17 24.00 16.40
C CYS A 459 -10.61 23.26 15.12
N HIS A 460 -9.79 22.24 14.84
CA HIS A 460 -10.02 21.43 13.65
C HIS A 460 -10.18 19.93 14.03
N THR A 461 -11.00 19.25 13.26
CA THR A 461 -11.30 17.82 13.33
C THR A 461 -9.95 17.15 13.21
N ALA A 462 -9.23 17.28 12.14
CA ALA A 462 -7.87 16.74 11.96
C ALA A 462 -7.32 17.34 10.68
N VAL A 463 -6.02 17.24 10.52
CA VAL A 463 -5.40 17.72 9.25
C VAL A 463 -5.89 16.74 8.20
N ASP A 464 -6.21 17.22 6.99
CA ASP A 464 -6.67 16.45 5.87
C ASP A 464 -8.08 15.96 5.79
N ARG A 465 -9.04 16.28 6.62
CA ARG A 465 -10.48 15.92 6.50
C ARG A 465 -11.17 17.17 5.92
N THR A 466 -12.24 17.02 5.20
CA THR A 466 -12.92 18.13 4.56
C THR A 466 -13.39 19.26 5.44
N ALA A 467 -14.28 19.04 6.39
CA ALA A 467 -14.84 20.16 7.13
C ALA A 467 -13.83 20.82 8.02
N GLY A 468 -13.00 20.03 8.67
CA GLY A 468 -11.99 20.52 9.61
C GLY A 468 -10.64 21.08 9.06
N TRP A 469 -10.41 20.82 7.80
CA TRP A 469 -9.17 21.29 7.19
C TRP A 469 -9.24 21.44 5.70
N ASN A 470 -9.50 20.60 4.76
CA ASN A 470 -9.47 21.06 3.39
C ASN A 470 -10.25 22.33 3.08
N ILE A 471 -11.46 22.58 3.53
CA ILE A 471 -12.40 23.70 3.37
C ILE A 471 -11.89 25.00 3.94
N PRO A 472 -11.78 25.09 5.23
CA PRO A 472 -11.27 26.30 5.85
C PRO A 472 -9.88 26.61 5.32
N MET A 473 -8.91 25.72 5.36
CA MET A 473 -7.57 26.11 4.89
C MET A 473 -7.62 26.37 3.40
N GLY A 474 -8.38 25.63 2.65
CA GLY A 474 -8.43 25.81 1.22
C GLY A 474 -8.86 27.23 0.83
N LEU A 475 -9.93 27.66 1.51
CA LEU A 475 -10.54 28.97 1.35
C LEU A 475 -9.53 30.08 1.68
N LEU A 476 -8.78 29.91 2.73
CA LEU A 476 -7.75 30.78 3.26
C LEU A 476 -6.57 30.78 2.27
N PHE A 477 -6.12 29.61 1.94
CA PHE A 477 -5.04 29.43 0.99
C PHE A 477 -5.37 30.21 -0.27
N ASN A 478 -6.58 30.02 -0.75
CA ASN A 478 -6.99 30.73 -1.98
C ASN A 478 -6.86 32.26 -1.84
N GLN A 479 -6.80 32.91 -0.71
CA GLN A 479 -6.70 34.37 -0.67
C GLN A 479 -5.24 34.76 -0.60
N THR A 480 -4.60 34.30 0.45
CA THR A 480 -3.21 34.63 0.69
C THR A 480 -2.27 33.94 -0.25
N GLY A 481 -2.49 32.70 -0.57
CA GLY A 481 -1.57 31.95 -1.45
C GLY A 481 -0.35 31.47 -0.67
N SER A 482 -0.40 31.48 0.66
CA SER A 482 0.68 31.02 1.54
C SER A 482 0.55 29.56 1.91
N CYS A 483 1.62 28.82 1.84
CA CYS A 483 1.66 27.41 2.20
C CYS A 483 2.02 27.23 3.69
N LYS A 484 2.08 28.38 4.38
CA LYS A 484 2.51 28.25 5.78
C LYS A 484 1.22 28.23 6.59
N PHE A 485 0.66 27.02 6.55
CA PHE A 485 -0.64 26.70 7.17
C PHE A 485 -0.56 26.91 8.66
N ASP A 486 0.62 27.04 9.22
CA ASP A 486 0.76 27.32 10.67
C ASP A 486 0.74 28.79 11.07
N GLU A 487 0.52 29.71 10.15
CA GLU A 487 0.45 31.11 10.51
C GLU A 487 -0.93 31.67 10.20
N TYR A 488 -1.80 30.79 9.75
CA TYR A 488 -3.22 31.18 9.43
C TYR A 488 -3.85 31.52 10.77
N PHE A 489 -3.69 30.66 11.74
CA PHE A 489 -4.23 30.94 13.06
C PHE A 489 -3.08 30.99 14.02
N SER A 490 -3.17 31.74 15.09
CA SER A 490 -2.08 31.79 16.07
C SER A 490 -1.88 30.53 16.90
N GLN A 491 -2.87 29.78 17.30
CA GLN A 491 -2.82 28.55 18.07
C GLN A 491 -4.01 27.69 17.70
N SER A 492 -3.65 26.44 17.49
CA SER A 492 -4.74 25.51 17.11
C SER A 492 -4.61 24.15 17.76
N CYS A 493 -5.62 23.38 17.45
CA CYS A 493 -5.71 22.01 17.83
C CYS A 493 -6.19 21.48 16.45
N ALA A 494 -5.18 20.93 15.75
CA ALA A 494 -5.37 20.27 14.45
C ALA A 494 -4.64 18.94 14.57
N PRO A 495 -5.32 17.90 15.07
CA PRO A 495 -4.76 16.56 15.29
C PRO A 495 -4.10 15.99 14.05
N GLY A 496 -2.85 15.56 14.20
CA GLY A 496 -2.09 15.03 13.06
C GLY A 496 -0.98 15.97 12.65
N SER A 497 -0.76 17.10 13.25
CA SER A 497 0.26 18.10 12.94
C SER A 497 1.46 17.81 13.85
N ASP A 498 2.50 18.59 13.66
CA ASP A 498 3.68 18.46 14.49
C ASP A 498 3.30 18.84 15.92
N PRO A 499 3.60 17.94 16.85
CA PRO A 499 3.26 18.12 18.26
C PRO A 499 3.94 19.33 18.86
N ARG A 500 4.90 19.78 18.09
CA ARG A 500 5.72 20.96 18.43
C ARG A 500 5.27 22.25 17.72
N SER A 501 4.36 22.14 16.74
CA SER A 501 3.88 23.32 16.02
C SER A 501 2.80 23.96 16.85
N ASN A 502 2.41 25.14 16.47
CA ASN A 502 1.36 26.06 16.91
C ASN A 502 -0.02 25.40 16.68
N LEU A 503 -0.02 24.50 15.69
CA LEU A 503 -1.10 23.70 15.20
C LEU A 503 -1.48 22.56 16.15
N CYS A 504 -0.68 22.35 17.15
CA CYS A 504 -0.92 21.31 18.17
C CYS A 504 -1.03 22.02 19.51
N ALA A 505 -0.78 23.33 19.51
CA ALA A 505 -0.79 24.13 20.73
C ALA A 505 -1.95 24.01 21.68
N LEU A 506 -3.17 23.95 21.13
CA LEU A 506 -4.37 23.86 21.99
C LEU A 506 -4.80 22.42 22.27
N CYS A 507 -4.18 21.36 21.77
CA CYS A 507 -4.60 19.97 21.94
C CYS A 507 -4.31 19.55 23.36
N ILE A 508 -5.09 18.57 23.77
CA ILE A 508 -5.03 18.07 25.15
C ILE A 508 -4.78 16.59 25.34
N GLY A 509 -4.50 15.81 24.34
CA GLY A 509 -4.21 14.38 24.59
C GLY A 509 -5.41 13.81 25.35
N ASP A 510 -5.24 12.60 25.84
CA ASP A 510 -6.21 11.85 26.63
C ASP A 510 -6.22 12.37 28.06
N GLU A 511 -7.11 11.69 28.74
CA GLU A 511 -7.47 11.94 30.15
C GLU A 511 -6.30 12.18 31.06
N GLN A 512 -5.15 11.80 30.55
CA GLN A 512 -3.93 11.87 31.30
C GLN A 512 -2.93 12.81 30.67
N GLY A 513 -3.29 13.50 29.60
CA GLY A 513 -2.30 14.42 29.02
C GLY A 513 -1.26 13.75 28.14
N GLU A 514 -1.64 12.62 27.63
CA GLU A 514 -0.82 11.84 26.70
C GLU A 514 -1.60 11.99 25.39
N ASN A 515 -1.03 11.37 24.38
CA ASN A 515 -1.67 11.36 23.06
C ASN A 515 -2.03 12.76 22.57
N LYS A 516 -1.27 13.73 23.02
CA LYS A 516 -1.47 15.13 22.59
C LYS A 516 -1.22 15.23 21.08
N CYS A 517 -2.29 15.77 20.47
CA CYS A 517 -2.38 16.05 19.06
C CYS A 517 -2.38 14.89 18.11
N VAL A 518 -2.60 13.70 18.62
CA VAL A 518 -2.66 12.47 17.82
C VAL A 518 -3.95 12.51 17.06
N PRO A 519 -4.00 12.02 15.83
CA PRO A 519 -5.21 11.99 15.04
C PRO A 519 -6.00 10.73 15.20
N ASN A 520 -6.45 10.48 16.38
CA ASN A 520 -7.33 9.34 16.72
C ASN A 520 -8.09 9.82 17.98
N SER A 521 -9.15 9.09 18.25
CA SER A 521 -9.99 9.42 19.44
C SER A 521 -9.27 9.47 20.76
N ASN A 522 -7.97 9.28 20.81
CA ASN A 522 -7.15 9.34 22.03
C ASN A 522 -7.07 10.82 22.42
N GLU A 523 -6.98 11.65 21.38
CA GLU A 523 -6.93 13.11 21.75
C GLU A 523 -8.35 13.56 22.00
N ARG A 524 -8.71 14.24 23.11
CA ARG A 524 -10.06 14.73 23.46
C ARG A 524 -10.69 15.75 22.51
N TYR A 525 -9.89 16.58 21.86
CA TYR A 525 -10.17 17.56 20.85
C TYR A 525 -10.18 17.04 19.42
N TYR A 526 -10.31 15.72 19.25
CA TYR A 526 -10.27 15.06 17.93
C TYR A 526 -11.65 14.80 17.36
N GLY A 527 -11.69 14.92 16.05
CA GLY A 527 -12.84 14.72 15.21
C GLY A 527 -13.85 15.86 15.50
N TYR A 528 -14.99 15.66 14.92
CA TYR A 528 -16.08 16.61 15.00
C TYR A 528 -16.48 17.01 16.40
N THR A 529 -16.76 16.05 17.25
CA THR A 529 -17.19 16.28 18.64
C THR A 529 -16.12 17.01 19.45
N GLY A 530 -14.89 16.58 19.19
CA GLY A 530 -13.68 17.09 19.84
C GLY A 530 -13.31 18.47 19.32
N ALA A 531 -13.52 18.80 18.04
CA ALA A 531 -13.22 20.14 17.47
C ALA A 531 -14.19 21.08 18.17
N PHE A 532 -15.42 20.64 18.38
CA PHE A 532 -16.51 21.38 19.06
C PHE A 532 -16.28 21.60 20.54
N ARG A 533 -15.88 20.56 21.24
CA ARG A 533 -15.52 20.64 22.66
C ARG A 533 -14.47 21.70 22.87
N CYS A 534 -13.50 21.79 21.98
CA CYS A 534 -12.35 22.72 21.94
C CYS A 534 -12.84 24.15 22.03
N LEU A 535 -13.93 24.39 21.37
CA LEU A 535 -14.62 25.67 21.30
C LEU A 535 -15.45 25.82 22.58
N ALA A 536 -16.27 24.84 22.87
CA ALA A 536 -17.16 24.95 24.03
C ALA A 536 -16.40 25.08 25.31
N GLU A 537 -15.11 24.90 25.25
CA GLU A 537 -14.30 25.07 26.47
C GLU A 537 -13.25 26.15 26.38
N ASN A 538 -13.53 27.04 25.46
CA ASN A 538 -12.79 28.27 25.26
C ASN A 538 -11.32 28.04 25.09
N ALA A 539 -11.11 26.91 24.42
CA ALA A 539 -9.70 26.60 24.02
C ALA A 539 -9.41 27.37 22.74
N GLY A 540 -10.27 27.31 21.74
CA GLY A 540 -10.22 27.94 20.44
C GLY A 540 -11.37 28.98 20.37
N ASP A 541 -11.47 29.70 19.27
CA ASP A 541 -12.49 30.71 19.04
C ASP A 541 -13.42 30.36 17.87
N VAL A 542 -12.89 29.47 17.08
CA VAL A 542 -13.62 28.94 15.91
C VAL A 542 -13.41 27.40 15.87
N ALA A 543 -14.33 26.60 15.38
CA ALA A 543 -14.20 25.16 15.28
C ALA A 543 -14.70 24.89 13.89
N PHE A 544 -13.99 24.12 13.09
CA PHE A 544 -14.44 23.80 11.73
C PHE A 544 -15.04 22.41 11.91
N VAL A 545 -16.35 22.25 11.78
CA VAL A 545 -17.06 20.98 12.01
C VAL A 545 -18.17 20.96 10.96
N LYS A 546 -19.21 20.17 11.10
CA LYS A 546 -20.36 20.06 10.19
C LYS A 546 -21.58 20.65 10.93
N ASP A 547 -22.64 21.10 10.27
CA ASP A 547 -23.67 21.71 11.20
C ASP A 547 -24.18 20.79 12.33
N VAL A 548 -24.61 19.61 11.93
CA VAL A 548 -25.19 18.59 12.83
C VAL A 548 -24.40 18.44 14.07
N THR A 549 -23.14 18.75 14.20
CA THR A 549 -22.31 18.54 15.39
C THR A 549 -22.75 19.31 16.61
N VAL A 550 -23.22 20.53 16.31
CA VAL A 550 -23.60 21.40 17.47
C VAL A 550 -24.92 20.85 18.01
N LEU A 551 -25.87 20.52 17.18
CA LEU A 551 -27.18 19.98 17.61
C LEU A 551 -26.96 18.78 18.52
N GLN A 552 -26.27 17.81 17.91
CA GLN A 552 -25.88 16.58 18.56
C GLN A 552 -25.12 16.82 19.86
N ASN A 553 -24.60 17.97 20.16
CA ASN A 553 -23.79 18.19 21.34
C ASN A 553 -24.29 19.27 22.27
N THR A 554 -25.42 19.88 22.01
CA THR A 554 -25.89 20.89 22.99
C THR A 554 -27.33 20.49 23.34
N ASP A 555 -27.85 21.14 24.37
CA ASP A 555 -29.26 20.89 24.68
C ASP A 555 -29.54 19.48 25.16
N GLY A 556 -28.63 18.98 25.95
CA GLY A 556 -28.70 17.64 26.55
C GLY A 556 -28.64 16.55 25.49
N ASN A 557 -28.32 16.92 24.27
CA ASN A 557 -28.30 15.93 23.18
C ASN A 557 -27.10 15.04 23.47
N ASN A 558 -26.21 15.53 24.27
CA ASN A 558 -24.97 14.89 24.75
C ASN A 558 -24.93 15.41 26.22
N ASN A 559 -24.67 14.46 27.08
CA ASN A 559 -24.65 14.83 28.51
C ASN A 559 -23.32 14.32 29.07
N GLU A 560 -22.29 14.36 28.22
CA GLU A 560 -20.97 13.95 28.77
C GLU A 560 -20.77 15.18 29.66
N ALA A 561 -19.90 15.12 30.60
CA ALA A 561 -19.67 16.23 31.55
C ALA A 561 -19.61 17.63 30.94
N TRP A 562 -18.59 17.66 30.08
CA TRP A 562 -18.29 18.90 29.36
C TRP A 562 -19.49 19.34 28.51
N ALA A 563 -20.33 18.42 27.99
CA ALA A 563 -21.41 18.86 27.12
C ALA A 563 -22.72 19.29 27.73
N LYS A 564 -23.02 18.68 28.84
CA LYS A 564 -24.21 18.76 29.70
C LYS A 564 -24.96 20.09 29.62
N ASP A 565 -24.34 21.24 29.95
CA ASP A 565 -25.11 22.50 29.93
C ASP A 565 -25.08 23.39 28.71
N LEU A 566 -24.42 22.97 27.65
CA LEU A 566 -24.36 23.78 26.44
C LEU A 566 -25.77 23.85 25.87
N LYS A 567 -26.02 25.04 25.33
CA LYS A 567 -27.33 25.26 24.69
C LYS A 567 -27.04 25.72 23.29
N LEU A 568 -27.82 25.17 22.37
CA LEU A 568 -27.63 25.53 20.95
C LEU A 568 -27.51 27.03 20.79
N ALA A 569 -28.28 27.83 21.51
CA ALA A 569 -28.28 29.31 21.36
C ALA A 569 -27.02 30.07 21.70
N ASP A 570 -25.97 29.46 22.22
CA ASP A 570 -24.72 30.11 22.60
C ASP A 570 -23.70 30.06 21.43
N PHE A 571 -24.17 29.42 20.40
CA PHE A 571 -23.21 29.28 19.26
C PHE A 571 -23.80 29.93 18.05
N ALA A 572 -23.01 30.30 17.11
CA ALA A 572 -23.52 30.86 15.86
C ALA A 572 -22.53 30.41 14.78
N LEU A 573 -22.92 30.52 13.55
CA LEU A 573 -22.12 30.19 12.40
C LEU A 573 -21.56 31.47 11.76
N LEU A 574 -20.37 31.55 11.20
CA LEU A 574 -19.73 32.64 10.47
C LEU A 574 -20.05 32.38 9.00
N CYS A 575 -20.67 33.30 8.30
CA CYS A 575 -20.99 33.07 6.89
C CYS A 575 -19.86 33.85 6.19
N LEU A 576 -19.80 33.44 4.95
CA LEU A 576 -18.74 33.94 4.06
C LEU A 576 -18.81 35.43 3.74
N ASP A 577 -20.03 35.89 3.78
CA ASP A 577 -20.43 37.27 3.54
C ASP A 577 -20.04 38.18 4.70
N GLY A 578 -19.63 37.68 5.83
CA GLY A 578 -19.24 38.55 6.94
C GLY A 578 -20.35 38.49 7.99
N LYS A 579 -21.53 37.93 7.62
CA LYS A 579 -22.62 37.83 8.57
C LYS A 579 -22.33 36.75 9.62
N ARG A 580 -23.34 36.52 10.42
CA ARG A 580 -23.40 35.52 11.45
C ARG A 580 -24.89 35.15 11.48
N LYS A 581 -25.12 33.86 11.53
CA LYS A 581 -26.46 33.31 11.60
C LYS A 581 -26.45 32.26 12.70
N PRO A 582 -27.64 31.92 13.14
CA PRO A 582 -27.77 30.84 14.15
C PRO A 582 -27.57 29.50 13.45
N VAL A 583 -27.20 28.46 14.18
CA VAL A 583 -26.89 27.10 13.72
C VAL A 583 -27.93 26.44 12.84
N THR A 584 -29.14 26.86 13.16
CA THR A 584 -30.33 26.30 12.43
C THR A 584 -30.35 26.85 11.03
N GLU A 585 -29.58 27.88 10.69
CA GLU A 585 -29.60 28.37 9.30
C GLU A 585 -28.30 28.04 8.57
N ALA A 586 -27.68 26.94 8.91
CA ALA A 586 -26.44 26.54 8.23
C ALA A 586 -26.72 26.36 6.76
N ARG A 587 -27.95 26.01 6.41
CA ARG A 587 -28.20 25.82 4.98
C ARG A 587 -27.90 27.07 4.18
N SER A 588 -27.96 28.22 4.78
CA SER A 588 -27.69 29.47 4.03
C SER A 588 -26.51 30.20 4.67
N CYS A 589 -25.75 29.43 5.47
CA CYS A 589 -24.53 29.93 6.16
C CYS A 589 -23.46 28.84 6.40
N HIS A 590 -22.90 28.40 5.29
CA HIS A 590 -21.80 27.40 5.30
C HIS A 590 -20.61 27.72 4.38
N LEU A 591 -19.43 27.16 4.75
CA LEU A 591 -18.22 27.41 3.95
C LEU A 591 -18.37 26.64 2.67
N ALA A 592 -18.92 25.43 2.76
CA ALA A 592 -19.13 24.52 1.61
C ALA A 592 -19.71 23.16 1.95
N MET A 593 -20.14 22.46 0.93
CA MET A 593 -20.76 21.12 0.87
C MET A 593 -19.59 20.09 0.80
N ALA A 594 -19.53 19.21 1.79
CA ALA A 594 -18.49 18.19 1.86
C ALA A 594 -19.08 16.91 1.28
N PRO A 595 -18.29 16.13 0.51
CA PRO A 595 -18.73 14.84 0.00
C PRO A 595 -18.93 13.88 1.21
N ASN A 596 -19.89 12.98 1.14
CA ASN A 596 -20.18 12.05 2.23
C ASN A 596 -18.97 11.12 2.50
N HIS A 597 -18.84 10.75 3.78
CA HIS A 597 -17.75 9.83 4.18
C HIS A 597 -18.12 8.58 3.39
N ALA A 598 -17.15 7.84 2.90
CA ALA A 598 -17.40 6.62 2.11
C ALA A 598 -16.52 5.46 2.54
N VAL A 599 -17.08 4.25 2.35
CA VAL A 599 -16.23 3.11 2.75
C VAL A 599 -15.45 2.73 1.48
N VAL A 600 -14.16 2.52 1.71
CA VAL A 600 -13.25 2.21 0.56
C VAL A 600 -12.67 0.80 0.75
N SER A 601 -12.33 0.19 -0.36
CA SER A 601 -11.73 -1.13 -0.36
C SER A 601 -10.82 -1.36 -1.59
N ARG A 602 -10.31 -2.60 -1.71
CA ARG A 602 -9.47 -2.91 -2.86
C ARG A 602 -10.51 -3.37 -3.86
N MET A 603 -10.16 -3.28 -5.11
CA MET A 603 -11.14 -3.70 -6.14
C MET A 603 -11.53 -5.13 -6.06
N ASP A 604 -10.66 -5.94 -5.58
CA ASP A 604 -10.87 -7.39 -5.43
C ASP A 604 -11.88 -7.79 -4.33
N LYS A 605 -12.24 -6.80 -3.49
CA LYS A 605 -13.17 -7.10 -2.36
C LYS A 605 -14.48 -6.38 -2.50
N VAL A 606 -14.65 -5.51 -3.47
CA VAL A 606 -15.88 -4.70 -3.65
C VAL A 606 -17.17 -5.47 -3.44
N GLU A 607 -17.39 -6.40 -4.35
CA GLU A 607 -18.61 -7.22 -4.29
C GLU A 607 -18.87 -7.96 -3.02
N ARG A 608 -17.95 -8.66 -2.44
CA ARG A 608 -18.17 -9.33 -1.18
C ARG A 608 -18.34 -8.32 -0.06
N LEU A 609 -17.72 -7.16 -0.13
CA LEU A 609 -17.83 -6.12 0.92
C LEU A 609 -19.25 -5.55 0.83
N LYS A 610 -19.74 -5.46 -0.38
CA LYS A 610 -21.10 -4.90 -0.48
C LYS A 610 -22.15 -5.74 0.21
N GLN A 611 -22.02 -7.02 -0.11
CA GLN A 611 -22.84 -8.14 0.38
C GLN A 611 -22.89 -8.13 1.90
N VAL A 612 -21.70 -8.17 2.44
CA VAL A 612 -21.52 -8.18 3.87
C VAL A 612 -22.14 -6.96 4.54
N LEU A 613 -21.82 -5.76 4.04
CA LEU A 613 -22.32 -4.49 4.65
C LEU A 613 -23.83 -4.35 4.52
N LEU A 614 -24.44 -4.69 3.41
CA LEU A 614 -25.91 -4.62 3.27
C LEU A 614 -26.53 -5.59 4.27
N HIS A 615 -26.07 -6.79 4.36
CA HIS A 615 -26.56 -7.75 5.33
C HIS A 615 -26.32 -7.21 6.71
N GLN A 616 -25.15 -6.89 7.20
CA GLN A 616 -24.92 -6.42 8.55
C GLN A 616 -25.74 -5.22 9.01
N GLN A 617 -26.06 -4.29 8.19
CA GLN A 617 -26.77 -3.07 8.62
C GLN A 617 -28.30 -3.31 8.66
N ALA A 618 -28.64 -4.44 8.04
CA ALA A 618 -30.02 -4.87 7.93
C ALA A 618 -30.34 -5.36 9.35
N LYS A 619 -29.29 -5.79 9.92
CA LYS A 619 -29.35 -6.34 11.27
C LYS A 619 -28.94 -5.37 12.35
N PHE A 620 -27.96 -4.53 12.10
CA PHE A 620 -27.46 -3.58 13.10
C PHE A 620 -27.53 -2.10 12.69
N GLY A 621 -28.11 -1.79 11.58
CA GLY A 621 -28.28 -0.40 11.18
C GLY A 621 -29.23 0.42 12.08
N ARG A 622 -29.78 1.49 11.51
CA ARG A 622 -30.67 2.47 12.13
C ARG A 622 -31.96 1.81 12.57
N ASN A 623 -32.79 1.40 11.60
CA ASN A 623 -34.04 0.73 12.16
C ASN A 623 -33.75 -0.74 11.78
N GLY A 624 -32.59 -1.15 12.33
CA GLY A 624 -31.98 -2.45 12.16
C GLY A 624 -32.49 -3.45 13.20
N SER A 625 -32.79 -4.58 12.62
CA SER A 625 -33.29 -5.77 13.30
C SER A 625 -32.43 -6.11 14.50
N ASP A 626 -31.58 -5.39 15.17
CA ASP A 626 -30.89 -6.07 16.32
C ASP A 626 -30.34 -4.97 17.24
N CYS A 627 -30.65 -3.82 16.68
CA CYS A 627 -30.38 -2.49 17.16
C CYS A 627 -31.69 -1.83 17.66
N PRO A 628 -31.67 -1.36 18.89
CA PRO A 628 -30.59 -1.31 19.89
C PRO A 628 -30.60 -2.50 20.83
N ASP A 629 -31.50 -3.37 20.41
CA ASP A 629 -31.61 -4.59 21.25
C ASP A 629 -30.19 -5.07 21.54
N LYS A 630 -29.61 -5.44 20.41
CA LYS A 630 -28.25 -6.01 20.53
C LYS A 630 -27.12 -5.08 20.14
N PHE A 631 -27.13 -4.60 18.90
CA PHE A 631 -26.01 -3.73 18.48
C PHE A 631 -26.46 -2.74 17.41
N CYS A 632 -25.90 -1.54 17.57
CA CYS A 632 -26.14 -0.45 16.60
C CYS A 632 -24.74 -0.10 16.08
N LEU A 633 -24.67 -0.36 14.82
CA LEU A 633 -23.39 -0.08 14.13
C LEU A 633 -23.03 1.41 14.04
N PHE A 634 -24.13 2.16 13.77
CA PHE A 634 -24.09 3.61 13.58
C PHE A 634 -24.36 4.37 14.86
N GLN A 635 -23.88 3.88 15.97
CA GLN A 635 -24.07 4.61 17.21
C GLN A 635 -22.95 4.22 18.14
N SER A 636 -22.25 5.14 18.71
CA SER A 636 -21.12 5.23 19.62
C SER A 636 -21.39 6.44 20.54
N GLU A 637 -22.59 6.92 20.18
CA GLU A 637 -23.22 8.07 20.83
C GLU A 637 -22.14 9.16 20.96
N THR A 638 -22.20 10.16 20.10
CA THR A 638 -21.40 11.36 19.88
C THR A 638 -19.90 11.23 19.61
N LYS A 639 -19.38 10.01 19.51
CA LYS A 639 -17.98 9.71 19.25
C LYS A 639 -17.80 9.28 17.78
N ASN A 640 -18.80 8.96 17.03
CA ASN A 640 -18.59 8.57 15.64
C ASN A 640 -17.41 7.62 15.44
N LEU A 641 -17.38 6.44 15.98
CA LEU A 641 -16.43 5.32 15.95
C LEU A 641 -16.95 4.47 14.80
N LEU A 642 -16.06 4.29 13.84
CA LEU A 642 -16.17 3.52 12.60
C LEU A 642 -17.00 4.26 11.53
N PHE A 643 -18.16 4.71 11.99
CA PHE A 643 -19.09 5.47 11.15
C PHE A 643 -19.60 6.70 11.92
N ASN A 644 -20.22 7.63 11.20
CA ASN A 644 -20.81 8.84 11.82
C ASN A 644 -22.10 8.38 12.56
N ASP A 645 -22.24 8.87 13.78
CA ASP A 645 -23.47 8.53 14.53
C ASP A 645 -24.71 8.87 13.74
N ASN A 646 -24.66 9.79 12.80
CA ASN A 646 -25.85 10.16 12.01
C ASN A 646 -26.02 9.45 10.67
N THR A 647 -25.31 8.35 10.43
CA THR A 647 -25.51 7.64 9.16
C THR A 647 -26.90 7.00 9.23
N GLU A 648 -27.75 7.26 8.27
CA GLU A 648 -29.08 6.60 8.20
C GLU A 648 -28.76 5.16 7.72
N CYS A 649 -27.89 4.99 6.76
CA CYS A 649 -27.47 3.74 6.18
C CYS A 649 -26.28 3.98 5.23
N LEU A 650 -25.81 2.93 4.59
CA LEU A 650 -24.71 2.89 3.63
C LEU A 650 -25.43 2.88 2.29
N ALA A 651 -25.25 3.82 1.39
CA ALA A 651 -26.01 3.82 0.13
C ALA A 651 -25.10 3.48 -1.05
N ARG A 652 -25.69 3.01 -2.16
CA ARG A 652 -25.00 2.66 -3.39
C ARG A 652 -24.43 3.95 -3.95
N LEU A 653 -23.49 3.85 -4.87
CA LEU A 653 -22.82 5.06 -5.40
C LEU A 653 -23.34 5.71 -6.66
N HIS A 654 -24.21 4.98 -7.32
CA HIS A 654 -24.91 5.45 -8.51
C HIS A 654 -23.87 5.78 -9.59
N GLY A 655 -23.00 4.80 -9.77
CA GLY A 655 -21.93 4.83 -10.77
C GLY A 655 -20.69 5.64 -10.49
N LYS A 656 -20.54 6.36 -9.41
CA LYS A 656 -19.39 7.19 -9.05
C LYS A 656 -18.54 6.21 -8.23
N THR A 657 -17.90 5.31 -8.93
CA THR A 657 -17.09 4.27 -8.30
C THR A 657 -15.61 4.39 -8.38
N THR A 658 -15.14 5.58 -8.56
CA THR A 658 -13.88 6.23 -8.66
C THR A 658 -13.81 7.42 -7.72
N TYR A 659 -12.69 7.57 -7.05
CA TYR A 659 -12.48 8.65 -6.14
C TYR A 659 -12.73 9.95 -6.89
N GLU A 660 -12.52 9.98 -8.17
CA GLU A 660 -12.70 11.30 -8.84
C GLU A 660 -14.13 11.58 -9.22
N LYS A 661 -14.74 10.49 -9.66
CA LYS A 661 -16.16 10.62 -9.97
C LYS A 661 -16.86 10.88 -8.65
N TYR A 662 -16.49 10.15 -7.60
CA TYR A 662 -17.18 10.33 -6.31
C TYR A 662 -16.95 11.70 -5.71
N LEU A 663 -15.71 12.15 -5.60
CA LEU A 663 -15.30 13.44 -5.02
C LEU A 663 -15.66 14.63 -5.91
N GLY A 664 -15.59 14.50 -7.22
CA GLY A 664 -15.89 15.63 -8.09
C GLY A 664 -14.66 16.52 -8.32
N PRO A 665 -14.63 17.07 -9.53
CA PRO A 665 -13.58 17.94 -10.04
C PRO A 665 -13.16 19.16 -9.27
N GLN A 666 -14.08 19.88 -8.68
CA GLN A 666 -13.73 21.06 -7.91
C GLN A 666 -12.87 20.52 -6.81
N TYR A 667 -13.48 19.51 -6.19
CA TYR A 667 -12.86 18.85 -5.02
C TYR A 667 -11.47 18.29 -5.29
N VAL A 668 -11.33 17.42 -6.26
CA VAL A 668 -9.97 16.88 -6.50
C VAL A 668 -9.00 17.99 -6.86
N ALA A 669 -9.60 18.94 -7.56
CA ALA A 669 -8.87 20.10 -8.09
C ALA A 669 -8.27 20.84 -6.93
N GLY A 670 -9.11 20.97 -5.93
CA GLY A 670 -8.64 21.68 -4.72
C GLY A 670 -7.72 20.91 -3.79
N ILE A 671 -7.83 19.60 -3.59
CA ILE A 671 -6.88 18.97 -2.65
C ILE A 671 -5.55 18.93 -3.38
N THR A 672 -5.63 18.79 -4.69
CA THR A 672 -4.36 18.82 -5.44
C THR A 672 -3.57 20.09 -5.16
N ASN A 673 -4.19 21.20 -5.47
CA ASN A 673 -3.51 22.46 -5.09
C ASN A 673 -2.95 22.48 -3.70
N LEU A 674 -3.71 22.22 -2.67
CA LEU A 674 -3.24 22.23 -1.28
C LEU A 674 -2.07 21.30 -0.93
N LYS A 675 -2.14 20.17 -1.66
CA LYS A 675 -1.15 19.12 -1.51
C LYS A 675 0.26 19.50 -1.93
N LYS A 676 0.50 20.43 -2.82
CA LYS A 676 1.80 20.93 -3.27
C LYS A 676 2.68 21.59 -2.21
N CYS A 677 1.94 22.15 -1.28
CA CYS A 677 2.41 22.93 -0.14
C CYS A 677 3.20 21.97 0.73
N SER A 678 2.83 20.75 0.44
CA SER A 678 3.39 19.55 1.10
C SER A 678 2.64 18.25 0.88
N THR A 679 3.40 17.24 0.43
CA THR A 679 2.76 15.90 0.26
C THR A 679 3.19 15.04 1.48
N SER A 680 2.44 13.96 1.61
CA SER A 680 2.68 13.02 2.69
C SER A 680 3.50 11.85 2.14
N PRO A 681 4.10 11.21 3.11
CA PRO A 681 4.89 10.00 2.86
C PRO A 681 4.10 8.95 2.11
N LEU A 682 2.82 8.86 2.48
CA LEU A 682 1.86 7.93 1.90
C LEU A 682 1.59 8.35 0.49
N LEU A 683 1.38 9.59 0.07
CA LEU A 683 1.12 9.85 -1.37
C LEU A 683 2.47 9.63 -2.10
N GLU A 684 3.54 9.98 -1.43
CA GLU A 684 4.89 9.69 -2.04
C GLU A 684 5.04 8.17 -2.31
N ALA A 685 4.73 7.35 -1.30
CA ALA A 685 4.78 5.89 -1.56
C ALA A 685 3.94 5.46 -2.73
N CYS A 686 2.66 5.84 -2.82
CA CYS A 686 1.81 5.43 -3.96
C CYS A 686 2.18 6.05 -5.28
N GLU A 687 2.75 7.24 -5.22
CA GLU A 687 3.19 7.95 -6.47
C GLU A 687 4.13 6.88 -7.08
N PHE A 688 5.02 6.33 -6.29
CA PHE A 688 6.06 5.37 -6.72
C PHE A 688 5.52 4.04 -7.18
N LEU A 689 4.60 3.52 -6.39
CA LEU A 689 3.96 2.21 -6.62
C LEU A 689 2.96 2.14 -7.74
N ARG A 690 2.60 3.33 -8.22
CA ARG A 690 1.63 3.53 -9.31
C ARG A 690 2.22 3.45 -10.70
N LYS A 691 3.27 4.22 -10.83
CA LYS A 691 4.13 4.37 -12.00
C LYS A 691 4.27 3.09 -12.81
C1 NAG B . -6.19 -33.10 -10.38
C2 NAG B . -5.21 -34.19 -10.82
C3 NAG B . -5.71 -34.62 -12.19
C4 NAG B . -7.17 -35.02 -12.17
C5 NAG B . -8.12 -34.19 -11.20
C6 NAG B . -9.31 -35.12 -10.80
C7 NAG B . -2.58 -33.87 -10.86
C8 NAG B . -1.87 -35.12 -10.70
N2 NAG B . -3.89 -33.82 -10.60
O3 NAG B . -5.00 -35.66 -12.77
O4 NAG B . -7.73 -35.02 -13.47
O5 NAG B . -7.44 -33.72 -10.17
O6 NAG B . -10.44 -34.66 -10.12
O7 NAG B . -2.02 -32.86 -11.34
CU CU C . 13.84 -12.04 -10.49
CU CU D . -15.71 14.66 7.24
C CO3 E . 12.74 -14.42 -11.10
O1 CO3 E . 11.83 -13.52 -11.28
O2 CO3 E . 13.94 -14.08 -10.63
O3 CO3 E . 12.71 -15.70 -11.36
C1 OXL F . -14.21 16.39 8.70
C2 OXL F . -14.05 14.99 9.39
O1 OXL F . -14.90 16.43 7.69
O2 OXL F . -14.70 14.15 8.78
O3 OXL F . -13.64 17.40 9.22
O4 OXL F . -13.37 15.04 10.47
#